data_1OIY
#
_entry.id   1OIY
#
_cell.length_a   73.997
_cell.length_b   134.872
_cell.length_c   147.865
_cell.angle_alpha   90.00
_cell.angle_beta   90.00
_cell.angle_gamma   90.00
#
_symmetry.space_group_name_H-M   'P 21 21 21'
#
loop_
_entity.id
_entity.type
_entity.pdbx_description
1 polymer 'CELL DIVISION PROTEIN KINASE 2'
2 polymer 'CYCLIN A2'
3 non-polymer 4-(6-CYCLOHEXYLMETHOXY-9H-PURIN-2-YLAMINO)--BENZAMIDE
4 non-polymer MONOTHIOGLYCEROL
5 non-polymer 'MAGNESIUM ION'
6 water water
#
loop_
_entity_poly.entity_id
_entity_poly.type
_entity_poly.pdbx_seq_one_letter_code
_entity_poly.pdbx_strand_id
1 'polypeptide(L)'
;GPGSMENFQKVEKIGEGTYGVVYKARNKLTGEVVALKKIRLDTETEGVPSTAIREISLLKELNHPNIVKLLDVIHTENKL
YLVFEFLHQDLKKFMDASALTGIPLPLIKSYLFQLLQGLAFCHSHRVLHRDLKPQNLLINTEGAIKLADFGLARAFGVPV
RTY(TPO)HEVVTLWYRAPEILLGCKYYSTAVDIWSLGCIFAEMVTRRALFPGDSEIDQLFRIFRTLGTPDEVVWPGVTS
MPDYKPSFPKWARQDFSKVVPPLDEDGRSLLSQMLHYDPNKRISAKAALAHPFFQDVTKPVPHLRL
;
A,C
2 'polypeptide(L)'
;MEVPDYHEDIHTYLREMEVKCKPKVGYMKKQPDITNSMRAILVDWLVEVGEEYKLQNETLHLAVNYIDRFLSSMSVLRGK
LQLVGTAAMLLASKFEEIYPPEVAEFVYITDDTYTKKQVLRMEHLVLKVLTFDLAAPTVNQFLTQYFLHQQPANCKVESL
AMFLGELSLIDADPYLKYLPSVIAGAAFHLALYTVTGQSWPESLIRKTGYTLESLKPCLMDLHQTYLKAPQHAQQSIREK
YKNSKYHGVSLLNPPETLNL
;
B,D
#
loop_
_chem_comp.id
_chem_comp.type
_chem_comp.name
_chem_comp.formula
MG non-polymer 'MAGNESIUM ION' 'Mg 2'
N41 non-polymer 4-(6-CYCLOHEXYLMETHOXY-9H-PURIN-2-YLAMINO)--BENZAMIDE 'C19 H22 N6 O2'
SGM non-polymer MONOTHIOGLYCEROL 'C3 H8 O2 S'
#
# COMPACT_ATOMS: atom_id res chain seq x y z
N SER A 4 -13.07 17.44 -0.50
CA SER A 4 -11.62 17.02 -0.38
C SER A 4 -10.81 17.84 0.66
N MET A 5 -10.96 19.16 0.58
CA MET A 5 -10.26 20.10 1.44
C MET A 5 -11.05 20.49 2.67
N GLU A 6 -12.21 19.86 2.86
CA GLU A 6 -13.10 20.06 4.02
C GLU A 6 -12.36 20.22 5.36
N ASN A 7 -11.36 19.39 5.59
CA ASN A 7 -10.69 19.38 6.90
C ASN A 7 -9.63 20.47 7.10
N PHE A 8 -9.27 21.17 6.03
CA PHE A 8 -8.24 22.20 6.18
C PHE A 8 -8.85 23.57 6.25
N GLN A 9 -8.21 24.41 7.05
CA GLN A 9 -8.54 25.80 7.16
C GLN A 9 -7.27 26.55 6.81
N LYS A 10 -7.36 27.32 5.74
CA LYS A 10 -6.30 28.18 5.29
C LYS A 10 -6.12 29.17 6.39
N VAL A 11 -4.90 29.60 6.57
CA VAL A 11 -4.56 30.43 7.70
C VAL A 11 -3.84 31.68 7.20
N GLU A 12 -2.97 31.51 6.21
CA GLU A 12 -2.19 32.59 5.57
C GLU A 12 -1.34 32.03 4.43
N LYS A 13 -1.06 32.85 3.42
CA LYS A 13 -0.24 32.43 2.31
C LYS A 13 1.23 32.50 2.70
N ILE A 14 2.00 31.46 2.38
CA ILE A 14 3.41 31.43 2.77
C ILE A 14 4.30 32.04 1.71
N GLY A 15 4.08 31.66 0.46
CA GLY A 15 4.91 32.15 -0.63
C GLY A 15 4.78 31.36 -1.92
N GLU A 16 5.63 31.71 -2.87
CA GLU A 16 5.60 31.06 -4.17
C GLU A 16 6.93 30.48 -4.54
N GLY A 17 6.94 29.19 -4.83
CA GLY A 17 8.17 28.48 -5.12
C GLY A 17 8.33 28.28 -6.61
N THR A 18 8.87 27.12 -6.96
CA THR A 18 9.10 26.75 -8.34
C THR A 18 7.80 26.77 -9.15
N TYR A 19 6.76 26.26 -8.51
CA TYR A 19 5.44 26.27 -9.09
C TYR A 19 4.45 26.27 -7.93
N GLY A 20 3.20 26.57 -8.23
CA GLY A 20 2.15 26.51 -7.25
C GLY A 20 2.29 27.68 -6.27
N VAL A 21 1.42 27.65 -5.26
CA VAL A 21 1.42 28.64 -4.19
C VAL A 21 1.36 27.85 -2.89
N VAL A 22 2.16 28.23 -1.90
CA VAL A 22 2.09 27.55 -0.62
C VAL A 22 1.35 28.35 0.47
N TYR A 23 0.45 27.67 1.17
CA TYR A 23 -0.31 28.27 2.28
C TYR A 23 -0.04 27.48 3.52
N LYS A 24 -0.02 28.16 4.64
CA LYS A 24 -0.06 27.49 5.92
C LYS A 24 -1.54 27.23 6.13
N ALA A 25 -1.86 26.13 6.76
CA ALA A 25 -3.23 25.77 7.05
C ALA A 25 -3.15 24.75 8.19
N ARG A 26 -4.28 24.53 8.84
CA ARG A 26 -4.36 23.49 9.85
C ARG A 26 -5.46 22.50 9.51
N ASN A 27 -5.29 21.29 9.98
CA ASN A 27 -6.26 20.23 9.81
C ASN A 27 -7.22 20.38 10.96
N LYS A 28 -8.50 20.54 10.64
CA LYS A 28 -9.52 20.93 11.62
C LYS A 28 -9.79 19.83 12.65
N LEU A 29 -9.77 18.58 12.20
CA LEU A 29 -9.97 17.44 13.07
C LEU A 29 -8.75 16.99 13.90
N THR A 30 -7.51 17.26 13.44
CA THR A 30 -6.38 16.71 14.14
C THR A 30 -5.62 17.77 14.87
N GLY A 31 -5.65 18.99 14.36
CA GLY A 31 -4.86 20.05 14.93
C GLY A 31 -3.60 20.35 14.13
N GLU A 32 -3.23 19.42 13.26
CA GLU A 32 -1.92 19.51 12.61
C GLU A 32 -1.93 20.65 11.65
N VAL A 33 -0.98 21.56 11.86
CA VAL A 33 -0.50 22.54 10.90
C VAL A 33 0.24 21.94 9.69
N VAL A 34 -0.18 22.39 8.52
CA VAL A 34 0.34 21.90 7.28
C VAL A 34 0.60 23.04 6.33
N ALA A 35 1.58 22.84 5.47
CA ALA A 35 1.81 23.63 4.30
C ALA A 35 1.06 22.92 3.15
N LEU A 36 0.09 23.62 2.54
CA LEU A 36 -0.60 23.16 1.34
C LEU A 36 -0.01 23.87 0.15
N LYS A 37 0.55 23.12 -0.78
CA LYS A 37 0.99 23.69 -2.05
C LYS A 37 -0.16 23.45 -3.04
N LYS A 38 -0.72 24.53 -3.55
CA LYS A 38 -1.87 24.45 -4.43
C LYS A 38 -1.43 24.61 -5.87
N ILE A 39 -1.89 23.71 -6.73
CA ILE A 39 -1.57 23.79 -8.17
C ILE A 39 -2.84 23.88 -8.98
N ARG A 40 -3.10 25.06 -9.54
CA ARG A 40 -4.24 25.22 -10.43
C ARG A 40 -3.94 24.46 -11.73
N LEU A 41 -4.85 23.58 -12.14
CA LEU A 41 -4.65 22.80 -13.36
C LEU A 41 -5.39 23.34 -14.60
N THR A 45 -4.12 24.08 -22.42
CA THR A 45 -2.90 23.81 -21.63
C THR A 45 -2.38 22.38 -21.75
N GLU A 46 -1.53 21.99 -20.80
CA GLU A 46 -0.62 20.83 -20.94
C GLU A 46 -0.73 19.78 -19.84
N GLY A 47 -1.79 19.86 -19.03
CA GLY A 47 -2.01 18.94 -17.94
C GLY A 47 -1.10 19.12 -16.75
N VAL A 48 -0.73 18.02 -16.11
CA VAL A 48 0.03 18.12 -14.88
C VAL A 48 1.49 18.47 -15.21
N PRO A 49 1.96 19.57 -14.63
CA PRO A 49 3.28 20.13 -14.95
C PRO A 49 4.35 19.14 -14.56
N SER A 50 5.42 18.96 -15.35
CA SER A 50 6.44 17.98 -14.98
C SER A 50 7.09 18.28 -13.64
N THR A 51 7.13 19.56 -13.24
CA THR A 51 7.67 19.88 -11.93
C THR A 51 6.85 19.26 -10.83
N ALA A 52 5.54 19.15 -11.05
CA ALA A 52 4.64 18.59 -10.02
C ALA A 52 4.73 17.10 -10.05
N ILE A 53 4.95 16.55 -11.22
CA ILE A 53 5.08 15.10 -11.37
C ILE A 53 6.36 14.59 -10.73
N ARG A 54 7.44 15.37 -10.83
CA ARG A 54 8.76 14.92 -10.30
C ARG A 54 8.73 15.10 -8.78
N GLU A 55 8.38 16.28 -8.33
CA GLU A 55 8.30 16.55 -6.91
C GLU A 55 7.55 15.46 -6.11
N ILE A 56 6.31 15.16 -6.54
CA ILE A 56 5.48 14.17 -5.87
C ILE A 56 6.09 12.77 -5.95
N SER A 57 6.37 12.33 -7.18
CA SER A 57 6.97 11.02 -7.37
C SER A 57 8.22 10.91 -6.53
N LEU A 58 9.03 11.95 -6.48
CA LEU A 58 10.30 11.84 -5.76
C LEU A 58 10.10 12.01 -4.25
N LEU A 59 9.31 12.99 -3.85
CA LEU A 59 9.04 13.23 -2.42
C LEU A 59 8.42 12.03 -1.67
N LYS A 60 7.57 11.28 -2.37
CA LYS A 60 6.98 10.03 -1.85
C LYS A 60 8.03 9.00 -1.46
N GLU A 61 9.16 8.98 -2.18
CA GLU A 61 10.23 8.05 -1.93
C GLU A 61 11.15 8.58 -0.81
N LEU A 62 11.29 9.90 -0.75
CA LEU A 62 12.26 10.50 0.14
C LEU A 62 11.60 10.67 1.46
N ASN A 63 11.85 9.74 2.34
CA ASN A 63 11.30 9.90 3.65
C ASN A 63 12.45 9.88 4.66
N HIS A 64 12.75 11.08 5.15
CA HIS A 64 13.94 11.36 5.93
C HIS A 64 13.62 12.56 6.83
N PRO A 65 14.17 12.59 8.04
CA PRO A 65 13.88 13.66 9.01
C PRO A 65 14.34 15.03 8.54
N ASN A 66 15.34 15.07 7.64
CA ASN A 66 15.81 16.32 7.12
C ASN A 66 15.32 16.57 5.71
N ILE A 67 14.38 15.76 5.23
CA ILE A 67 13.66 16.08 3.98
C ILE A 67 12.20 16.40 4.31
N VAL A 68 11.77 17.57 3.88
CA VAL A 68 10.43 18.03 4.12
C VAL A 68 9.53 16.93 3.62
N LYS A 69 8.52 16.60 4.39
CA LYS A 69 7.76 15.41 4.22
C LYS A 69 6.42 15.68 3.54
N LEU A 70 6.15 14.98 2.45
CA LEU A 70 4.89 15.08 1.78
C LEU A 70 3.95 14.11 2.46
N LEU A 71 2.93 14.66 3.08
CA LEU A 71 1.93 13.87 3.77
C LEU A 71 0.83 13.31 2.89
N ASP A 72 0.42 14.00 1.83
CA ASP A 72 -0.78 13.63 1.08
C ASP A 72 -0.89 14.38 -0.23
N VAL A 73 -1.57 13.77 -1.21
CA VAL A 73 -1.87 14.45 -2.46
C VAL A 73 -3.37 14.36 -2.75
N ILE A 74 -4.00 15.52 -2.71
CA ILE A 74 -5.41 15.66 -2.96
C ILE A 74 -5.54 16.18 -4.36
N HIS A 75 -6.08 15.29 -5.18
CA HIS A 75 -5.99 15.39 -6.61
C HIS A 75 -7.37 15.55 -7.16
N THR A 76 -7.60 16.71 -7.77
CA THR A 76 -8.91 17.15 -8.25
C THR A 76 -8.81 17.37 -9.78
N GLU A 77 -9.93 17.67 -10.45
CA GLU A 77 -9.93 17.77 -11.91
C GLU A 77 -9.35 19.12 -12.36
N ASN A 78 -9.63 20.14 -11.54
CA ASN A 78 -9.24 21.54 -11.74
C ASN A 78 -8.07 21.93 -10.86
N LYS A 79 -8.01 21.34 -9.67
CA LYS A 79 -6.92 21.63 -8.71
C LYS A 79 -6.15 20.40 -8.23
N LEU A 80 -4.85 20.54 -8.06
CA LEU A 80 -4.07 19.54 -7.34
C LEU A 80 -3.45 20.19 -6.11
N TYR A 81 -3.53 19.51 -4.97
CA TYR A 81 -3.00 20.00 -3.70
C TYR A 81 -1.96 19.06 -3.07
N LEU A 82 -0.80 19.62 -2.73
CA LEU A 82 0.18 18.85 -1.96
C LEU A 82 0.20 19.31 -0.52
N VAL A 83 0.00 18.32 0.35
CA VAL A 83 -0.06 18.54 1.78
C VAL A 83 1.27 18.14 2.35
N PHE A 84 2.01 19.15 2.78
CA PHE A 84 3.32 19.01 3.38
C PHE A 84 3.27 19.25 4.87
N GLU A 85 4.14 18.57 5.60
CA GLU A 85 4.50 18.96 6.96
C GLU A 85 4.90 20.46 7.02
N PHE A 86 4.52 21.17 8.08
CA PHE A 86 4.72 22.61 8.09
C PHE A 86 5.96 22.93 8.93
N LEU A 87 6.78 23.83 8.43
CA LEU A 87 7.96 24.25 9.12
C LEU A 87 7.85 25.76 9.30
N HIS A 88 8.62 26.31 10.23
CA HIS A 88 8.32 27.61 10.79
C HIS A 88 8.86 28.78 10.05
N GLN A 89 9.95 28.51 9.35
CA GLN A 89 10.63 29.56 8.66
C GLN A 89 11.74 29.00 7.74
N ASP A 90 12.36 29.88 6.95
CA ASP A 90 13.47 29.52 6.12
C ASP A 90 14.77 30.13 6.66
N LEU A 91 15.88 29.53 6.29
CA LEU A 91 17.20 29.96 6.69
C LEU A 91 17.42 31.42 6.40
N LYS A 92 16.97 31.81 5.21
CA LYS A 92 17.11 33.17 4.70
C LYS A 92 16.43 34.14 5.67
N LYS A 93 15.13 33.95 5.90
CA LYS A 93 14.44 34.71 6.91
C LYS A 93 15.19 34.70 8.26
N PHE A 94 15.76 33.56 8.63
CA PHE A 94 16.39 33.41 9.92
C PHE A 94 17.70 34.15 9.99
N MET A 95 18.52 34.05 8.94
CA MET A 95 19.82 34.71 8.90
C MET A 95 19.71 36.24 8.91
N ASP A 96 18.67 36.78 8.28
CA ASP A 96 18.43 38.22 8.31
C ASP A 96 18.01 38.66 9.71
N ALA A 97 17.33 37.76 10.43
CA ALA A 97 16.95 37.92 11.83
C ALA A 97 18.16 37.75 12.74
N SER A 98 19.06 36.89 12.30
CA SER A 98 20.30 36.66 13.03
C SER A 98 21.26 37.81 12.77
N ALA A 99 20.76 38.75 11.98
CA ALA A 99 21.34 40.06 11.74
C ALA A 99 22.43 40.48 12.71
N LEU A 100 22.04 40.59 13.97
CA LEU A 100 22.87 41.19 14.98
C LEU A 100 23.64 40.14 15.73
N THR A 101 22.93 39.31 16.47
CA THR A 101 23.48 38.10 17.06
C THR A 101 24.62 37.51 16.23
N GLY A 102 24.33 37.27 14.94
CA GLY A 102 25.04 36.29 14.15
C GLY A 102 24.61 34.86 14.53
N ILE A 103 24.74 33.92 13.58
CA ILE A 103 24.35 32.54 13.87
C ILE A 103 25.51 31.84 14.53
N PRO A 104 25.32 31.39 15.77
CA PRO A 104 26.42 30.78 16.54
C PRO A 104 26.94 29.47 15.93
N LEU A 105 28.26 29.29 15.96
CA LEU A 105 28.92 28.13 15.38
C LEU A 105 28.22 26.76 15.60
N PRO A 106 27.79 26.44 16.84
CA PRO A 106 27.08 25.20 17.12
C PRO A 106 25.79 25.01 16.32
N LEU A 107 25.04 26.10 16.12
CA LEU A 107 23.85 26.05 15.28
C LEU A 107 24.21 25.90 13.80
N ILE A 108 25.26 26.57 13.37
CA ILE A 108 25.76 26.41 12.03
C ILE A 108 26.15 24.95 11.75
N LYS A 109 26.89 24.36 12.67
CA LYS A 109 27.42 23.01 12.50
C LYS A 109 26.29 22.04 12.41
N SER A 110 25.30 22.23 13.28
CA SER A 110 24.10 21.41 13.33
C SER A 110 23.30 21.40 12.01
N TYR A 111 22.96 22.60 11.52
CA TYR A 111 22.18 22.73 10.29
C TYR A 111 23.01 22.11 9.22
N LEU A 112 24.33 22.33 9.28
CA LEU A 112 25.09 21.86 8.17
C LEU A 112 25.07 20.36 8.18
N PHE A 113 25.12 19.77 9.39
CA PHE A 113 25.19 18.32 9.55
C PHE A 113 23.88 17.70 9.07
N GLN A 114 22.79 18.32 9.50
CA GLN A 114 21.50 17.89 9.12
C GLN A 114 21.32 17.95 7.60
N LEU A 115 21.67 19.10 7.00
CA LEU A 115 21.56 19.28 5.57
C LEU A 115 22.42 18.26 4.81
N LEU A 116 23.59 17.92 5.33
CA LEU A 116 24.39 16.88 4.67
C LEU A 116 23.68 15.50 4.76
N GLN A 117 22.97 15.30 5.85
CA GLN A 117 22.21 14.08 6.06
C GLN A 117 21.11 13.96 5.02
N GLY A 118 20.36 15.03 4.81
CA GLY A 118 19.15 15.01 3.96
C GLY A 118 19.61 14.89 2.50
N LEU A 119 20.67 15.62 2.17
CA LEU A 119 21.36 15.49 0.90
C LEU A 119 21.99 14.12 0.62
N ALA A 120 22.70 13.53 1.61
CA ALA A 120 23.20 12.14 1.49
C ALA A 120 22.04 11.21 1.08
N PHE A 121 20.92 11.27 1.81
CA PHE A 121 19.76 10.45 1.51
C PHE A 121 19.16 10.66 0.09
N CYS A 122 19.15 11.90 -0.40
CA CYS A 122 18.68 12.19 -1.74
C CYS A 122 19.59 11.53 -2.73
N HIS A 123 20.88 11.78 -2.58
CA HIS A 123 21.88 11.20 -3.47
C HIS A 123 21.94 9.66 -3.44
N SER A 124 21.71 9.02 -2.28
CA SER A 124 21.64 7.57 -2.22
C SER A 124 20.33 7.08 -2.88
N HIS A 125 19.35 7.96 -2.98
CA HIS A 125 18.13 7.58 -3.65
C HIS A 125 18.04 8.19 -5.03
N ARG A 126 19.16 8.20 -5.72
CA ARG A 126 19.26 8.80 -7.03
C ARG A 126 18.48 10.08 -7.26
N VAL A 127 18.60 11.07 -6.37
CA VAL A 127 17.96 12.34 -6.61
C VAL A 127 18.92 13.55 -6.53
N LEU A 128 18.81 14.38 -7.55
CA LEU A 128 19.46 15.66 -7.53
C LEU A 128 18.42 16.67 -7.18
N HIS A 129 18.74 17.60 -6.28
CA HIS A 129 17.73 18.55 -5.85
C HIS A 129 17.73 19.78 -6.76
N ARG A 130 18.93 20.34 -6.91
CA ARG A 130 19.25 21.26 -8.01
C ARG A 130 18.80 22.69 -7.79
N ASP A 131 18.43 23.02 -6.57
CA ASP A 131 17.98 24.35 -6.25
C ASP A 131 18.10 24.63 -4.77
N LEU A 132 19.14 24.08 -4.13
CA LEU A 132 19.44 24.44 -2.75
C LEU A 132 19.90 25.89 -2.65
N LYS A 133 19.29 26.59 -1.71
CA LYS A 133 19.52 28.00 -1.42
C LYS A 133 18.75 28.26 -0.12
N PRO A 134 19.14 29.25 0.66
CA PRO A 134 18.52 29.44 1.98
C PRO A 134 16.97 29.51 1.96
N GLN A 135 16.34 30.10 0.95
CA GLN A 135 14.88 30.18 0.89
C GLN A 135 14.21 28.81 0.91
N ASN A 136 14.87 27.83 0.29
CA ASN A 136 14.38 26.46 0.19
C ASN A 136 14.75 25.57 1.41
N LEU A 137 15.47 26.09 2.40
CA LEU A 137 15.88 25.23 3.55
C LEU A 137 15.13 25.68 4.79
N LEU A 138 14.29 24.82 5.31
CA LEU A 138 13.28 25.24 6.29
C LEU A 138 13.65 24.77 7.70
N ILE A 139 13.31 25.52 8.71
CA ILE A 139 13.78 25.21 10.03
C ILE A 139 12.57 25.18 10.95
N ASN A 140 12.66 24.36 11.99
CA ASN A 140 11.61 24.31 12.95
C ASN A 140 12.16 24.86 14.30
N THR A 141 11.27 24.84 15.31
CA THR A 141 11.51 25.48 16.59
C THR A 141 12.21 24.48 17.47
N GLU A 142 12.22 23.22 17.06
CA GLU A 142 13.00 22.19 17.74
C GLU A 142 14.50 22.13 17.31
N GLY A 143 14.92 22.91 16.31
CA GLY A 143 16.32 22.90 15.89
C GLY A 143 16.64 22.05 14.65
N ALA A 144 15.60 21.45 14.09
CA ALA A 144 15.68 20.77 12.80
C ALA A 144 15.74 21.75 11.62
N ILE A 145 16.51 21.37 10.58
CA ILE A 145 16.50 22.06 9.30
C ILE A 145 16.17 20.99 8.19
N LYS A 146 15.56 21.38 7.08
CA LYS A 146 15.06 20.41 6.11
C LYS A 146 15.09 20.93 4.68
N LEU A 147 15.48 20.07 3.74
CA LEU A 147 15.42 20.42 2.34
C LEU A 147 13.95 20.56 1.89
N ALA A 148 13.63 21.68 1.23
CA ALA A 148 12.31 21.80 0.60
C ALA A 148 12.36 22.18 -0.87
N ASP A 149 11.16 22.30 -1.43
CA ASP A 149 10.94 22.65 -2.83
C ASP A 149 11.74 21.71 -3.80
N PHE A 150 11.20 20.52 -4.01
CA PHE A 150 11.79 19.61 -4.97
C PHE A 150 11.19 19.75 -6.39
N GLY A 151 10.59 20.89 -6.71
CA GLY A 151 10.06 21.10 -8.05
C GLY A 151 11.14 21.12 -9.12
N LEU A 152 12.41 21.40 -8.73
CA LEU A 152 13.55 21.43 -9.67
C LEU A 152 14.33 20.12 -9.65
N ALA A 153 13.89 19.24 -8.77
CA ALA A 153 14.58 17.98 -8.51
C ALA A 153 14.55 17.11 -9.72
N ARG A 154 15.46 16.13 -9.74
CA ARG A 154 15.28 15.08 -10.69
C ARG A 154 15.97 13.77 -10.28
N ALA A 155 15.35 12.66 -10.67
CA ALA A 155 15.89 11.33 -10.49
C ALA A 155 17.02 11.15 -11.50
N PHE A 156 18.20 10.72 -11.11
CA PHE A 156 19.26 10.62 -12.12
C PHE A 156 19.54 9.17 -12.40
N GLY A 157 20.42 8.87 -13.35
CA GLY A 157 20.74 7.46 -13.62
C GLY A 157 22.22 7.28 -13.36
N VAL A 158 22.71 6.05 -13.42
CA VAL A 158 24.10 5.80 -13.16
C VAL A 158 24.63 5.11 -14.40
N PRO A 159 25.59 5.73 -15.09
CA PRO A 159 26.15 7.02 -14.74
C PRO A 159 25.27 8.11 -15.27
N VAL A 160 25.52 9.36 -14.93
CA VAL A 160 24.54 10.34 -15.33
C VAL A 160 24.51 10.51 -16.84
N ARG A 161 23.41 11.01 -17.36
CA ARG A 161 23.47 11.54 -18.72
C ARG A 161 23.22 13.07 -18.67
N THR A 162 23.07 13.72 -19.84
CA THR A 162 22.81 15.17 -19.87
C THR A 162 21.38 15.43 -19.51
N TYR A 163 21.18 16.47 -18.72
CA TYR A 163 19.91 16.85 -18.08
C TYR A 163 19.87 18.34 -18.32
N TPO A 164 18.80 18.99 -17.80
CA TPO A 164 18.56 20.39 -18.04
CB TPO A 164 17.43 20.85 -17.15
CG2 TPO A 164 17.06 22.31 -17.52
OG1 TPO A 164 16.25 20.12 -17.43
P TPO A 164 15.60 19.01 -16.53
O1P TPO A 164 14.64 18.10 -17.44
O2P TPO A 164 16.68 17.99 -16.01
O3P TPO A 164 14.78 19.66 -15.32
C TPO A 164 19.78 21.19 -17.71
O TPO A 164 20.33 21.08 -16.61
N HIS A 165 20.24 21.98 -18.67
CA HIS A 165 21.34 22.90 -18.42
C HIS A 165 20.89 24.08 -17.60
N GLU A 166 19.62 24.39 -17.67
CA GLU A 166 19.15 25.65 -17.10
C GLU A 166 18.89 25.45 -15.65
N VAL A 167 19.96 25.34 -14.83
CA VAL A 167 19.78 24.79 -13.48
C VAL A 167 20.55 25.44 -12.29
N VAL A 168 19.83 25.61 -11.18
CA VAL A 168 20.31 26.11 -9.88
C VAL A 168 20.30 27.66 -9.83
N THR A 169 19.70 28.27 -8.80
CA THR A 169 19.81 29.72 -8.64
C THR A 169 21.29 30.13 -8.81
N LEU A 170 21.55 31.17 -9.58
CA LEU A 170 22.91 31.61 -9.90
C LEU A 170 23.91 31.79 -8.74
N TRP A 171 23.50 32.36 -7.61
CA TRP A 171 24.49 32.52 -6.57
C TRP A 171 25.00 31.15 -6.04
N TYR A 172 24.16 30.11 -6.19
CA TYR A 172 24.48 28.80 -5.65
C TYR A 172 24.91 27.78 -6.68
N ARG A 173 25.05 28.23 -7.91
CA ARG A 173 25.28 27.40 -9.09
C ARG A 173 26.76 27.03 -9.26
N ALA A 174 27.04 25.76 -9.48
CA ALA A 174 28.41 25.23 -9.58
C ALA A 174 29.15 25.69 -10.83
N PRO A 175 30.48 25.74 -10.76
CA PRO A 175 31.30 26.18 -11.90
C PRO A 175 31.12 25.25 -13.06
N GLU A 176 30.74 24.02 -12.81
CA GLU A 176 30.60 23.06 -13.91
C GLU A 176 29.29 23.31 -14.69
N ILE A 177 28.26 23.84 -13.99
CA ILE A 177 27.06 24.21 -14.72
C ILE A 177 27.38 25.50 -15.53
N LEU A 178 27.86 26.55 -14.84
CA LEU A 178 28.38 27.75 -15.51
C LEU A 178 29.29 27.52 -16.73
N LEU A 179 30.17 26.53 -16.67
CA LEU A 179 31.07 26.30 -17.82
C LEU A 179 30.46 25.33 -18.85
N GLY A 180 29.19 24.97 -18.66
CA GLY A 180 28.49 24.22 -19.67
C GLY A 180 28.86 22.76 -19.78
N CYS A 181 29.33 22.15 -18.69
CA CYS A 181 29.67 20.74 -18.74
C CYS A 181 28.39 19.99 -19.07
N LYS A 182 28.52 19.00 -19.95
CA LYS A 182 27.38 18.21 -20.43
C LYS A 182 26.88 17.20 -19.40
N TYR A 183 27.71 16.91 -18.39
CA TYR A 183 27.33 16.01 -17.32
C TYR A 183 27.58 16.76 -16.03
N TYR A 184 26.54 16.99 -15.25
CA TYR A 184 26.77 17.36 -13.88
C TYR A 184 26.10 16.27 -13.04
N SER A 185 26.51 16.22 -11.75
CA SER A 185 25.94 15.25 -10.85
C SER A 185 25.63 15.79 -9.44
N THR A 186 25.84 14.93 -8.42
CA THR A 186 25.48 15.26 -7.07
C THR A 186 26.32 16.41 -6.53
N ALA A 187 27.45 16.61 -7.18
CA ALA A 187 28.40 17.60 -6.78
C ALA A 187 27.77 18.99 -6.92
N VAL A 188 26.86 19.22 -7.86
CA VAL A 188 26.22 20.56 -7.86
C VAL A 188 25.52 20.87 -6.50
N ASP A 189 24.83 19.91 -5.89
CA ASP A 189 24.12 20.17 -4.64
C ASP A 189 25.12 20.45 -3.51
N ILE A 190 26.28 19.77 -3.51
CA ILE A 190 27.27 19.97 -2.46
C ILE A 190 27.81 21.41 -2.51
N TRP A 191 28.20 21.88 -3.71
CA TRP A 191 28.57 23.27 -3.99
C TRP A 191 27.59 24.24 -3.50
N SER A 192 26.30 23.97 -3.73
CA SER A 192 25.25 24.85 -3.23
C SER A 192 25.44 24.89 -1.74
N LEU A 193 25.63 23.72 -1.14
CA LEU A 193 25.63 23.64 0.29
C LEU A 193 26.89 24.32 0.86
N GLY A 194 28.02 24.17 0.16
CA GLY A 194 29.23 24.92 0.46
C GLY A 194 28.91 26.41 0.58
N CYS A 195 28.19 26.93 -0.41
CA CYS A 195 27.92 28.33 -0.47
C CYS A 195 27.07 28.71 0.71
N ILE A 196 26.14 27.82 1.07
CA ILE A 196 25.28 28.13 2.18
C ILE A 196 26.05 28.12 3.49
N PHE A 197 27.04 27.25 3.59
CA PHE A 197 27.78 27.09 4.82
C PHE A 197 28.52 28.40 5.05
N ALA A 198 29.14 28.92 4.00
CA ALA A 198 29.88 30.15 4.07
C ALA A 198 28.98 31.29 4.47
N GLU A 199 27.73 31.20 4.05
CA GLU A 199 26.75 32.24 4.25
C GLU A 199 26.14 32.22 5.62
N MET A 200 26.02 31.06 6.24
CA MET A 200 25.60 31.05 7.63
C MET A 200 26.67 31.73 8.49
N VAL A 201 27.91 31.64 8.06
CA VAL A 201 29.07 32.09 8.82
C VAL A 201 29.23 33.60 8.69
N THR A 202 29.47 34.06 7.45
CA THR A 202 29.54 35.49 7.07
C THR A 202 28.17 36.14 7.02
N ARG A 203 27.12 35.32 6.91
CA ARG A 203 25.75 35.81 6.78
C ARG A 203 25.55 36.69 5.55
N ARG A 204 26.44 36.55 4.55
CA ARG A 204 26.21 37.18 3.28
C ARG A 204 26.53 36.19 2.17
N ALA A 205 25.94 36.38 1.00
CA ALA A 205 26.10 35.39 -0.02
C ALA A 205 27.56 35.42 -0.50
N LEU A 206 28.12 34.23 -0.65
CA LEU A 206 29.53 34.14 -0.92
C LEU A 206 29.83 34.52 -2.35
N PHE A 207 28.92 34.26 -3.26
CA PHE A 207 29.13 34.62 -4.69
C PHE A 207 27.88 35.29 -5.30
N PRO A 208 27.62 36.55 -4.97
CA PRO A 208 26.36 37.17 -5.41
C PRO A 208 26.49 37.80 -6.80
N GLY A 209 26.68 37.01 -7.85
CA GLY A 209 26.96 37.56 -9.16
C GLY A 209 25.67 37.99 -9.84
N ASP A 210 25.72 38.97 -10.75
CA ASP A 210 24.48 39.31 -11.48
C ASP A 210 24.32 38.70 -12.89
N SER A 211 25.30 37.92 -13.33
CA SER A 211 25.23 37.27 -14.63
C SER A 211 26.07 36.04 -14.53
N GLU A 212 26.09 35.24 -15.58
CA GLU A 212 26.96 34.10 -15.58
C GLU A 212 28.44 34.45 -15.51
N ILE A 213 28.93 35.34 -16.37
CA ILE A 213 30.37 35.66 -16.35
C ILE A 213 30.77 36.33 -15.03
N ASP A 214 29.88 37.16 -14.54
CA ASP A 214 30.01 37.76 -13.23
C ASP A 214 30.17 36.68 -12.10
N GLN A 215 29.33 35.67 -12.12
CA GLN A 215 29.41 34.54 -11.20
C GLN A 215 30.76 33.83 -11.31
N LEU A 216 31.19 33.55 -12.53
CA LEU A 216 32.41 32.80 -12.74
C LEU A 216 33.56 33.58 -12.19
N PHE A 217 33.59 34.87 -12.55
CA PHE A 217 34.67 35.70 -12.12
C PHE A 217 34.76 35.88 -10.63
N ARG A 218 33.63 35.92 -9.93
CA ARG A 218 33.59 36.09 -8.51
C ARG A 218 34.12 34.83 -7.82
N ILE A 219 33.72 33.72 -8.38
CA ILE A 219 34.18 32.45 -7.89
C ILE A 219 35.69 32.38 -8.12
N PHE A 220 36.12 32.67 -9.35
CA PHE A 220 37.56 32.62 -9.72
C PHE A 220 38.34 33.57 -8.81
N ARG A 221 37.79 34.74 -8.49
CA ARG A 221 38.60 35.62 -7.64
C ARG A 221 38.84 35.06 -6.26
N THR A 222 38.00 34.12 -5.88
CA THR A 222 37.99 33.69 -4.52
C THR A 222 38.80 32.45 -4.47
N LEU A 223 38.72 31.62 -5.47
CA LEU A 223 39.24 30.30 -5.32
C LEU A 223 40.42 30.05 -6.27
N GLY A 224 40.64 31.02 -7.17
CA GLY A 224 41.69 30.97 -8.16
C GLY A 224 41.00 30.69 -9.46
N THR A 225 41.54 31.16 -10.59
CA THR A 225 41.08 30.68 -11.89
C THR A 225 41.56 29.27 -12.03
N PRO A 226 40.66 28.30 -12.23
CA PRO A 226 41.08 26.90 -12.31
C PRO A 226 41.94 26.69 -13.55
N ASP A 227 43.01 25.92 -13.42
CA ASP A 227 43.72 25.44 -14.61
C ASP A 227 43.60 23.92 -14.69
N GLU A 228 44.26 23.33 -15.69
CA GLU A 228 44.27 21.90 -15.90
C GLU A 228 44.85 21.15 -14.73
N VAL A 229 45.72 21.79 -13.97
CA VAL A 229 46.27 21.16 -12.78
C VAL A 229 45.21 20.99 -11.68
N VAL A 230 44.55 22.09 -11.28
CA VAL A 230 43.55 22.00 -10.22
C VAL A 230 42.30 21.24 -10.71
N TRP A 231 42.00 21.31 -12.02
CA TRP A 231 40.78 20.71 -12.53
C TRP A 231 40.99 20.19 -13.94
N PRO A 232 41.37 18.92 -14.09
CA PRO A 232 41.60 18.33 -15.41
C PRO A 232 40.35 18.43 -16.26
N GLY A 233 40.52 18.78 -17.54
CA GLY A 233 39.39 18.97 -18.45
C GLY A 233 38.80 20.39 -18.56
N VAL A 234 39.16 21.35 -17.68
CA VAL A 234 38.46 22.68 -17.66
C VAL A 234 38.57 23.55 -18.89
N THR A 235 39.74 23.51 -19.52
CA THR A 235 40.09 24.48 -20.53
C THR A 235 39.53 24.05 -21.85
N SER A 236 38.90 22.89 -21.85
CA SER A 236 38.24 22.31 -23.01
C SER A 236 36.73 22.38 -22.84
N MET A 237 36.27 22.98 -21.75
CA MET A 237 34.85 23.07 -21.49
C MET A 237 34.13 24.06 -22.40
N PRO A 238 32.93 23.72 -22.83
CA PRO A 238 32.28 24.53 -23.86
C PRO A 238 32.32 26.02 -23.56
N ASP A 239 32.12 26.39 -22.29
CA ASP A 239 32.00 27.81 -21.98
C ASP A 239 33.24 28.40 -21.27
N TYR A 240 34.32 27.65 -21.32
CA TYR A 240 35.58 28.18 -20.87
C TYR A 240 36.24 29.05 -21.95
N LYS A 241 36.92 30.11 -21.53
CA LYS A 241 37.59 31.02 -22.45
C LYS A 241 39.06 31.18 -22.03
N PRO A 242 39.99 31.06 -22.98
CA PRO A 242 41.41 31.31 -22.69
C PRO A 242 41.66 32.73 -22.20
N SER A 243 40.72 33.64 -22.43
CA SER A 243 40.94 35.03 -22.07
C SER A 243 40.51 35.27 -20.61
N PHE A 244 39.90 34.29 -19.97
CA PHE A 244 39.51 34.41 -18.57
C PHE A 244 40.69 34.98 -17.84
N PRO A 245 40.52 36.05 -17.07
CA PRO A 245 41.63 36.52 -16.22
C PRO A 245 42.10 35.34 -15.37
N LYS A 246 43.37 35.26 -15.05
CA LYS A 246 43.88 34.21 -14.20
C LYS A 246 44.12 34.78 -12.83
N TRP A 247 43.13 34.67 -11.93
CA TRP A 247 43.27 35.24 -10.59
C TRP A 247 43.93 34.19 -9.70
N ALA A 248 44.80 34.63 -8.79
CA ALA A 248 45.37 33.73 -7.80
C ALA A 248 44.30 33.24 -6.84
N ARG A 249 44.48 32.04 -6.31
CA ARG A 249 43.61 31.55 -5.25
C ARG A 249 43.95 32.25 -3.94
N GLN A 250 42.92 32.56 -3.17
CA GLN A 250 43.08 33.20 -1.89
C GLN A 250 43.36 32.18 -0.81
N ASP A 251 44.06 32.59 0.23
CA ASP A 251 44.16 31.78 1.44
C ASP A 251 42.73 31.69 2.06
N PHE A 252 42.25 30.44 2.19
CA PHE A 252 40.90 30.14 2.68
C PHE A 252 40.48 30.75 3.98
N SER A 253 41.44 30.99 4.86
CA SER A 253 41.15 31.66 6.11
C SER A 253 40.57 33.03 5.83
N LYS A 254 40.99 33.63 4.73
CA LYS A 254 40.41 34.92 4.38
C LYS A 254 39.00 34.79 3.82
N VAL A 255 38.63 33.65 3.27
CA VAL A 255 37.30 33.53 2.63
C VAL A 255 36.16 33.52 3.67
N VAL A 256 36.41 32.92 4.82
CA VAL A 256 35.47 32.99 5.94
C VAL A 256 36.27 33.08 7.25
N PRO A 257 36.79 34.28 7.53
CA PRO A 257 37.68 34.52 8.66
C PRO A 257 37.26 33.87 9.98
N PRO A 258 35.96 33.86 10.35
CA PRO A 258 35.58 33.32 11.67
C PRO A 258 35.81 31.81 11.78
N LEU A 259 36.09 31.16 10.64
CA LEU A 259 36.07 29.71 10.62
C LEU A 259 37.41 29.21 11.09
N ASP A 260 37.37 28.16 11.90
CA ASP A 260 38.59 27.57 12.33
C ASP A 260 39.06 26.48 11.36
N GLU A 261 40.14 25.80 11.68
CA GLU A 261 40.82 24.87 10.79
C GLU A 261 39.89 23.81 10.13
N ASP A 262 39.06 23.16 10.95
CA ASP A 262 38.24 22.07 10.47
C ASP A 262 37.19 22.59 9.49
N GLY A 263 36.59 23.72 9.90
CA GLY A 263 35.63 24.45 9.12
C GLY A 263 36.20 24.73 7.77
N ARG A 264 37.40 25.27 7.70
CA ARG A 264 37.93 25.78 6.42
C ARG A 264 38.15 24.61 5.54
N SER A 265 38.57 23.53 6.20
CA SER A 265 38.89 22.27 5.57
C SER A 265 37.64 21.74 4.90
N LEU A 266 36.55 21.74 5.64
CA LEU A 266 35.34 21.13 5.17
C LEU A 266 34.84 21.98 3.99
N LEU A 267 34.83 23.30 4.19
CA LEU A 267 34.33 24.20 3.21
C LEU A 267 35.11 24.07 1.94
N SER A 268 36.45 23.99 2.05
CA SER A 268 37.26 23.77 0.82
C SER A 268 36.95 22.47 0.07
N GLN A 269 36.65 21.42 0.77
CA GLN A 269 36.26 20.20 0.05
C GLN A 269 34.89 20.30 -0.56
N MET A 270 33.97 21.04 0.07
CA MET A 270 32.68 21.34 -0.54
C MET A 270 32.78 22.29 -1.74
N LEU A 271 33.85 23.08 -1.83
CA LEU A 271 33.97 24.00 -2.94
C LEU A 271 35.16 23.66 -3.83
N HIS A 272 35.60 22.42 -3.78
CA HIS A 272 36.50 21.92 -4.78
C HIS A 272 35.94 22.09 -6.19
N TYR A 273 36.79 22.50 -7.09
CA TYR A 273 36.39 22.77 -8.45
C TYR A 273 36.01 21.51 -9.18
N ASP A 274 36.86 20.49 -9.01
CA ASP A 274 36.71 19.27 -9.76
C ASP A 274 35.58 18.43 -9.14
N PRO A 275 34.43 18.33 -9.84
CA PRO A 275 33.26 17.62 -9.32
C PRO A 275 33.61 16.24 -8.76
N ASN A 276 34.50 15.51 -9.42
CA ASN A 276 34.93 14.21 -8.93
C ASN A 276 35.68 14.26 -7.61
N LYS A 277 36.36 15.37 -7.29
CA LYS A 277 37.11 15.42 -6.03
C LYS A 277 36.32 16.11 -4.94
N ARG A 278 35.36 16.93 -5.33
CA ARG A 278 34.41 17.49 -4.41
C ARG A 278 33.78 16.44 -3.51
N ILE A 279 33.84 16.72 -2.21
CA ILE A 279 33.38 15.79 -1.19
C ILE A 279 31.90 15.40 -1.42
N SER A 280 31.53 14.17 -1.12
CA SER A 280 30.13 13.72 -1.15
C SER A 280 29.52 14.11 0.16
N ALA A 281 28.19 14.30 0.19
CA ALA A 281 27.50 14.43 1.49
C ALA A 281 27.80 13.32 2.49
N LYS A 282 27.78 12.09 2.04
CA LYS A 282 28.04 10.92 2.89
C LYS A 282 29.35 11.10 3.62
N ALA A 283 30.43 11.27 2.86
CA ALA A 283 31.76 11.44 3.40
C ALA A 283 31.92 12.66 4.35
N ALA A 284 31.15 13.72 4.09
CA ALA A 284 31.31 14.95 4.89
C ALA A 284 30.81 14.73 6.32
N LEU A 285 29.88 13.83 6.47
CA LEU A 285 29.33 13.55 7.78
C LEU A 285 30.41 13.14 8.79
N ALA A 286 31.53 12.61 8.31
CA ALA A 286 32.57 12.05 9.17
C ALA A 286 33.70 13.01 9.25
N HIS A 287 33.49 14.24 8.77
CA HIS A 287 34.54 15.26 8.86
C HIS A 287 34.69 15.71 10.31
N PRO A 288 35.95 15.84 10.77
CA PRO A 288 36.27 16.38 12.09
C PRO A 288 35.54 17.67 12.47
N PHE A 289 35.15 18.49 11.49
CA PHE A 289 34.34 19.63 11.83
C PHE A 289 33.19 19.23 12.75
N PHE A 290 32.71 18.00 12.59
CA PHE A 290 31.46 17.56 13.21
C PHE A 290 31.62 16.75 14.51
N GLN A 291 32.87 16.61 14.98
CA GLN A 291 33.16 15.80 16.16
C GLN A 291 32.37 16.21 17.39
N ASP A 292 32.04 17.50 17.49
CA ASP A 292 31.34 18.04 18.66
C ASP A 292 29.91 18.44 18.33
N VAL A 293 29.39 17.96 17.20
CA VAL A 293 28.08 18.37 16.78
C VAL A 293 27.03 17.94 17.80
N THR A 294 26.18 18.91 18.16
CA THR A 294 24.96 18.67 18.93
C THR A 294 23.75 19.17 18.13
N LYS A 295 22.64 19.45 18.80
CA LYS A 295 21.45 20.03 18.15
C LYS A 295 20.75 21.15 18.98
N PRO A 296 21.36 22.32 19.04
CA PRO A 296 20.73 23.44 19.70
C PRO A 296 19.44 23.83 19.01
N VAL A 297 18.51 24.31 19.80
CA VAL A 297 17.32 24.94 19.32
C VAL A 297 17.72 26.41 19.05
N PRO A 298 17.24 27.01 17.96
CA PRO A 298 17.57 28.40 17.67
C PRO A 298 16.64 29.38 18.38
N HIS A 299 17.18 30.54 18.73
CA HIS A 299 16.38 31.67 19.26
C HIS A 299 15.34 32.14 18.21
N LEU A 300 14.10 31.66 18.33
CA LEU A 300 13.01 32.00 17.38
C LEU A 300 11.97 32.99 17.99
N VAL B 3 29.24 8.42 -10.36
CA VAL B 3 29.95 8.80 -9.07
C VAL B 3 29.88 7.67 -7.99
N PRO B 4 30.81 6.68 -8.14
CA PRO B 4 30.85 5.50 -7.27
C PRO B 4 30.70 5.79 -5.82
N ASP B 5 30.57 7.06 -5.43
CA ASP B 5 30.31 7.35 -4.03
C ASP B 5 28.90 6.87 -3.67
N TYR B 6 28.01 6.76 -4.64
CA TYR B 6 26.67 6.27 -4.36
C TYR B 6 26.24 5.11 -5.18
N HIS B 7 27.08 4.63 -6.10
CA HIS B 7 26.65 3.63 -7.04
C HIS B 7 25.95 2.44 -6.35
N GLU B 8 26.54 1.96 -5.26
CA GLU B 8 26.00 0.80 -4.57
C GLU B 8 24.73 1.13 -3.75
N ASP B 9 24.68 2.30 -3.10
CA ASP B 9 23.41 2.70 -2.46
C ASP B 9 22.31 2.67 -3.50
N ILE B 10 22.51 3.35 -4.62
CA ILE B 10 21.56 3.33 -5.73
C ILE B 10 21.16 1.95 -6.31
N HIS B 11 22.16 1.13 -6.66
CA HIS B 11 21.91 -0.23 -7.15
C HIS B 11 20.98 -0.96 -6.16
N THR B 12 21.38 -1.03 -4.91
CA THR B 12 20.53 -1.62 -3.86
C THR B 12 19.13 -1.04 -3.81
N TYR B 13 19.01 0.26 -3.90
CA TYR B 13 17.69 0.86 -3.92
C TYR B 13 16.84 0.50 -5.13
N LEU B 14 17.49 0.40 -6.29
CA LEU B 14 16.72 0.20 -7.48
C LEU B 14 16.17 -1.21 -7.40
N ARG B 15 16.91 -2.11 -6.75
CA ARG B 15 16.47 -3.50 -6.68
C ARG B 15 15.42 -3.71 -5.64
N GLU B 16 15.35 -2.85 -4.63
CA GLU B 16 14.22 -2.88 -3.71
C GLU B 16 13.04 -2.31 -4.51
N MET B 17 13.25 -1.21 -5.21
CA MET B 17 12.14 -0.55 -5.89
C MET B 17 11.58 -1.32 -7.10
N GLU B 18 12.41 -2.11 -7.80
CA GLU B 18 11.92 -2.86 -8.95
C GLU B 18 10.86 -3.87 -8.57
N VAL B 19 11.01 -4.41 -7.38
CA VAL B 19 10.06 -5.35 -6.81
C VAL B 19 8.74 -4.62 -6.49
N LYS B 20 8.81 -3.52 -5.75
CA LYS B 20 7.58 -2.77 -5.47
C LYS B 20 6.91 -2.25 -6.75
N CYS B 21 7.67 -2.10 -7.85
CA CYS B 21 7.18 -1.43 -9.07
C CYS B 21 6.81 -2.43 -10.15
N LYS B 22 6.94 -3.72 -9.85
CA LYS B 22 6.64 -4.79 -10.80
C LYS B 22 5.18 -4.93 -11.12
N PRO B 23 4.86 -4.89 -12.41
CA PRO B 23 3.51 -5.22 -12.86
C PRO B 23 3.12 -6.65 -12.55
N LYS B 24 1.83 -6.87 -12.35
CA LYS B 24 1.28 -8.16 -11.95
C LYS B 24 1.41 -9.09 -13.14
N VAL B 25 2.03 -10.23 -12.89
CA VAL B 25 2.47 -11.08 -13.99
C VAL B 25 1.28 -11.69 -14.71
N GLY B 26 0.16 -11.78 -14.02
CA GLY B 26 -0.98 -12.48 -14.59
C GLY B 26 -2.01 -11.68 -15.36
N TYR B 27 -1.77 -10.38 -15.56
CA TYR B 27 -2.87 -9.45 -15.81
C TYR B 27 -3.69 -9.56 -17.10
N MET B 28 -3.08 -10.06 -18.17
CA MET B 28 -3.70 -10.10 -19.50
C MET B 28 -4.79 -11.15 -19.56
N LYS B 29 -4.57 -12.23 -18.80
CA LYS B 29 -5.54 -13.31 -18.66
C LYS B 29 -6.81 -12.71 -18.08
N LYS B 30 -6.66 -11.68 -17.26
CA LYS B 30 -7.82 -11.04 -16.62
C LYS B 30 -8.32 -9.87 -17.45
N GLN B 31 -7.74 -9.67 -18.63
CA GLN B 31 -8.18 -8.59 -19.51
C GLN B 31 -9.16 -9.15 -20.54
N PRO B 32 -10.44 -8.85 -20.36
CA PRO B 32 -11.49 -9.32 -21.29
C PRO B 32 -11.19 -8.99 -22.76
N ASP B 33 -10.82 -7.75 -23.05
CA ASP B 33 -10.82 -7.28 -24.42
C ASP B 33 -9.45 -7.06 -25.07
N ILE B 34 -8.37 -7.13 -24.32
CA ILE B 34 -7.06 -6.98 -24.96
C ILE B 34 -6.18 -8.22 -24.84
N THR B 35 -5.19 -8.32 -25.72
CA THR B 35 -4.28 -9.46 -25.74
C THR B 35 -2.82 -9.03 -25.75
N ASN B 36 -1.94 -9.98 -25.47
CA ASN B 36 -0.49 -9.75 -25.59
C ASN B 36 -0.19 -9.15 -26.94
N SER B 37 -0.85 -9.67 -27.97
CA SER B 37 -0.63 -9.23 -29.32
C SER B 37 -0.99 -7.77 -29.55
N MET B 38 -2.06 -7.31 -28.91
CA MET B 38 -2.50 -5.92 -29.05
C MET B 38 -1.61 -4.95 -28.24
N ARG B 39 -1.04 -5.45 -27.16
CA ARG B 39 -0.05 -4.75 -26.37
C ARG B 39 1.22 -4.54 -27.18
N ALA B 40 1.71 -5.61 -27.82
CA ALA B 40 2.93 -5.56 -28.65
C ALA B 40 2.74 -4.58 -29.77
N ILE B 41 1.53 -4.49 -30.32
CA ILE B 41 1.32 -3.50 -31.33
C ILE B 41 1.47 -2.14 -30.67
N LEU B 42 0.85 -1.95 -29.49
CA LEU B 42 0.92 -0.66 -28.81
C LEU B 42 2.37 -0.27 -28.47
N VAL B 43 3.11 -1.23 -27.97
CA VAL B 43 4.44 -0.93 -27.56
C VAL B 43 5.24 -0.51 -28.79
N ASP B 44 5.00 -1.24 -29.88
CA ASP B 44 5.74 -1.02 -31.11
C ASP B 44 5.47 0.36 -31.70
N TRP B 45 4.29 0.85 -31.45
CA TRP B 45 3.94 2.22 -31.82
C TRP B 45 4.61 3.27 -30.95
N LEU B 46 4.63 3.01 -29.64
CA LEU B 46 5.40 3.86 -28.70
C LEU B 46 6.83 4.03 -29.11
N VAL B 47 7.52 2.95 -29.43
CA VAL B 47 8.88 3.04 -30.00
C VAL B 47 8.98 4.04 -31.15
N GLU B 48 8.02 3.93 -32.06
CA GLU B 48 7.94 4.78 -33.23
C GLU B 48 7.82 6.22 -32.81
N VAL B 49 6.84 6.51 -31.94
CA VAL B 49 6.67 7.84 -31.34
C VAL B 49 7.99 8.32 -30.73
N GLY B 50 8.62 7.45 -29.96
CA GLY B 50 9.94 7.72 -29.43
C GLY B 50 10.88 8.22 -30.53
N GLU B 51 10.91 7.54 -31.66
CA GLU B 51 11.81 7.95 -32.75
C GLU B 51 11.42 9.30 -33.33
N GLU B 52 10.12 9.46 -33.59
CA GLU B 52 9.58 10.64 -34.24
C GLU B 52 9.83 11.95 -33.48
N TYR B 53 9.93 11.87 -32.14
CA TYR B 53 10.20 13.05 -31.31
C TYR B 53 11.56 12.97 -30.62
N LYS B 54 12.37 12.02 -31.01
CA LYS B 54 13.74 11.91 -30.50
C LYS B 54 13.76 11.91 -28.95
N LEU B 55 12.98 10.99 -28.40
CA LEU B 55 12.84 10.81 -26.97
C LEU B 55 13.87 9.83 -26.48
N GLN B 56 14.30 10.04 -25.22
CA GLN B 56 15.16 9.07 -24.54
C GLN B 56 14.60 7.64 -24.49
N ASN B 57 15.44 6.66 -24.73
CA ASN B 57 15.06 5.27 -24.49
C ASN B 57 14.45 5.02 -23.08
N GLU B 58 15.01 5.65 -22.07
CA GLU B 58 14.49 5.59 -20.74
C GLU B 58 13.01 5.96 -20.68
N THR B 59 12.64 6.97 -21.46
CA THR B 59 11.27 7.43 -21.53
C THR B 59 10.31 6.35 -22.02
N LEU B 60 10.77 5.57 -22.98
CA LEU B 60 10.00 4.50 -23.59
C LEU B 60 9.74 3.45 -22.56
N HIS B 61 10.81 3.03 -21.89
CA HIS B 61 10.73 1.99 -20.88
C HIS B 61 9.81 2.37 -19.74
N LEU B 62 9.91 3.62 -19.28
CA LEU B 62 9.11 4.12 -18.19
C LEU B 62 7.67 3.98 -18.63
N ALA B 63 7.39 4.49 -19.84
CA ALA B 63 6.07 4.52 -20.42
C ALA B 63 5.40 3.14 -20.40
N VAL B 64 6.17 2.15 -20.82
CA VAL B 64 5.75 0.79 -20.84
C VAL B 64 5.38 0.34 -19.41
N ASN B 65 6.32 0.59 -18.46
CA ASN B 65 6.16 0.23 -17.07
C ASN B 65 4.81 0.77 -16.53
N TYR B 66 4.54 2.04 -16.83
CA TYR B 66 3.29 2.63 -16.49
C TYR B 66 2.15 1.88 -17.17
N ILE B 67 2.35 1.40 -18.38
CA ILE B 67 1.24 0.74 -19.09
C ILE B 67 0.98 -0.59 -18.43
N ASP B 68 2.02 -1.38 -18.19
CA ASP B 68 1.79 -2.64 -17.52
C ASP B 68 1.18 -2.53 -16.13
N ARG B 69 1.55 -1.50 -15.37
CA ARG B 69 1.09 -1.39 -14.01
C ARG B 69 -0.34 -0.91 -13.99
N PHE B 70 -0.67 0.03 -14.88
CA PHE B 70 -2.05 0.52 -15.06
C PHE B 70 -2.99 -0.59 -15.48
N LEU B 71 -2.53 -1.44 -16.39
CA LEU B 71 -3.33 -2.54 -16.93
C LEU B 71 -3.43 -3.72 -15.96
N SER B 72 -2.56 -3.71 -14.95
CA SER B 72 -2.55 -4.69 -13.88
C SER B 72 -3.78 -4.62 -12.97
N SER B 73 -4.46 -3.48 -12.96
CA SER B 73 -5.72 -3.33 -12.20
C SER B 73 -6.85 -2.67 -13.02
N MET B 74 -6.53 -2.08 -14.15
CA MET B 74 -7.58 -1.41 -14.88
C MET B 74 -7.88 -2.11 -16.21
N SER B 75 -9.08 -2.66 -16.35
CA SER B 75 -9.43 -3.35 -17.62
C SER B 75 -9.85 -2.31 -18.65
N VAL B 76 -9.33 -2.45 -19.87
CA VAL B 76 -9.50 -1.43 -20.87
C VAL B 76 -9.94 -2.08 -22.19
N LEU B 77 -10.87 -1.42 -22.86
CA LEU B 77 -11.31 -1.85 -24.18
C LEU B 77 -10.22 -1.59 -25.23
N ARG B 78 -10.14 -2.45 -26.24
CA ARG B 78 -9.07 -2.36 -27.20
C ARG B 78 -8.99 -0.99 -27.84
N GLY B 79 -10.14 -0.37 -28.06
CA GLY B 79 -10.20 0.97 -28.63
C GLY B 79 -9.64 2.04 -27.72
N LYS B 80 -9.38 1.68 -26.47
CA LYS B 80 -8.94 2.69 -25.52
C LYS B 80 -7.46 2.49 -25.11
N LEU B 81 -6.94 1.32 -25.45
CA LEU B 81 -5.59 0.95 -25.11
C LEU B 81 -4.54 2.02 -25.60
N GLN B 82 -4.70 2.48 -26.84
CA GLN B 82 -3.84 3.53 -27.35
C GLN B 82 -3.88 4.82 -26.51
N LEU B 83 -5.04 5.10 -25.91
CA LEU B 83 -5.21 6.27 -25.07
C LEU B 83 -4.41 6.15 -23.76
N VAL B 84 -4.46 4.96 -23.17
CA VAL B 84 -3.66 4.66 -22.02
C VAL B 84 -2.21 4.89 -22.42
N GLY B 85 -1.78 4.23 -23.49
CA GLY B 85 -0.44 4.37 -24.03
C GLY B 85 -0.03 5.80 -24.32
N THR B 86 -0.96 6.62 -24.81
CA THR B 86 -0.60 7.98 -25.15
C THR B 86 -0.35 8.80 -23.87
N ALA B 87 -1.27 8.72 -22.92
CA ALA B 87 -1.13 9.33 -21.63
C ALA B 87 0.15 8.84 -20.90
N ALA B 88 0.34 7.53 -20.87
CA ALA B 88 1.57 7.05 -20.27
C ALA B 88 2.82 7.66 -20.92
N MET B 89 2.86 7.86 -22.24
CA MET B 89 4.11 8.36 -22.87
C MET B 89 4.27 9.80 -22.57
N LEU B 90 3.16 10.48 -22.31
CA LEU B 90 3.19 11.91 -22.08
C LEU B 90 3.67 12.09 -20.66
N LEU B 91 3.34 11.15 -19.79
CA LEU B 91 3.80 11.17 -18.39
C LEU B 91 5.26 10.86 -18.28
N ALA B 92 5.67 9.81 -18.97
CA ALA B 92 7.02 9.39 -18.97
C ALA B 92 7.91 10.54 -19.54
N SER B 93 7.40 11.27 -20.54
CA SER B 93 8.16 12.34 -21.14
C SER B 93 8.36 13.50 -20.17
N LYS B 94 7.26 13.86 -19.47
CA LYS B 94 7.26 14.94 -18.49
C LYS B 94 8.25 14.59 -17.39
N PHE B 95 8.30 13.31 -17.02
CA PHE B 95 9.20 12.93 -15.95
C PHE B 95 10.62 12.99 -16.47
N GLU B 96 10.89 12.32 -17.57
CA GLU B 96 12.29 12.05 -17.92
C GLU B 96 13.01 13.04 -18.85
N GLU B 97 12.29 13.61 -19.82
CA GLU B 97 12.82 14.51 -20.85
C GLU B 97 13.10 15.95 -20.43
N ILE B 98 14.14 16.53 -21.03
CA ILE B 98 14.39 17.95 -20.85
C ILE B 98 13.30 18.80 -21.53
N TYR B 99 13.01 18.49 -22.79
CA TYR B 99 11.92 19.13 -23.50
C TYR B 99 10.91 18.10 -23.93
N PRO B 100 9.89 17.88 -23.13
CA PRO B 100 8.81 16.96 -23.52
C PRO B 100 7.94 17.50 -24.69
N PRO B 101 7.52 16.64 -25.61
CA PRO B 101 6.59 17.05 -26.67
C PRO B 101 5.33 17.53 -26.01
N GLU B 102 4.76 18.58 -26.59
CA GLU B 102 3.61 19.24 -26.02
C GLU B 102 2.40 18.36 -26.30
N VAL B 103 1.30 18.59 -25.59
CA VAL B 103 0.14 17.69 -25.58
C VAL B 103 -0.43 17.52 -26.99
N ALA B 104 -0.52 18.63 -27.71
CA ALA B 104 -0.89 18.66 -29.12
C ALA B 104 -0.14 17.64 -29.95
N GLU B 105 1.15 17.45 -29.67
CA GLU B 105 1.96 16.51 -30.41
C GLU B 105 1.49 15.09 -30.12
N PHE B 106 1.03 14.86 -28.89
CA PHE B 106 0.46 13.58 -28.55
C PHE B 106 -0.94 13.34 -29.12
N VAL B 107 -1.74 14.39 -29.21
CA VAL B 107 -3.02 14.24 -29.85
C VAL B 107 -2.81 13.87 -31.34
N TYR B 108 -2.00 14.69 -32.01
CA TYR B 108 -1.63 14.50 -33.40
C TYR B 108 -1.21 13.05 -33.77
N ILE B 109 -0.30 12.45 -33.01
CA ILE B 109 0.20 11.12 -33.37
C ILE B 109 -0.78 9.98 -33.09
N THR B 110 -2.01 10.29 -32.72
CA THR B 110 -3.08 9.30 -32.69
C THR B 110 -4.02 9.49 -33.91
N ASP B 111 -3.52 10.24 -34.89
CA ASP B 111 -4.30 10.69 -36.06
C ASP B 111 -5.65 11.21 -35.60
N ASP B 112 -5.57 11.92 -34.49
CA ASP B 112 -6.75 12.47 -33.82
C ASP B 112 -7.83 11.40 -33.62
N THR B 113 -7.36 10.22 -33.17
CA THR B 113 -8.21 9.19 -32.60
C THR B 113 -8.90 9.69 -31.32
N TYR B 114 -8.29 10.68 -30.68
CA TYR B 114 -8.66 11.13 -29.34
C TYR B 114 -8.48 12.64 -29.17
N THR B 115 -9.33 13.29 -28.36
CA THR B 115 -9.16 14.71 -28.12
C THR B 115 -8.16 15.02 -27.02
N LYS B 116 -7.70 16.26 -27.04
CA LYS B 116 -6.83 16.83 -26.04
C LYS B 116 -7.36 16.47 -24.66
N LYS B 117 -8.62 16.83 -24.45
CA LYS B 117 -9.24 16.70 -23.15
C LYS B 117 -9.20 15.24 -22.73
N GLN B 118 -9.33 14.36 -23.72
CA GLN B 118 -9.33 12.93 -23.48
C GLN B 118 -7.95 12.47 -23.06
N VAL B 119 -6.93 12.90 -23.80
CA VAL B 119 -5.56 12.53 -23.45
C VAL B 119 -5.22 13.00 -22.00
N LEU B 120 -5.75 14.17 -21.65
CA LEU B 120 -5.46 14.82 -20.40
C LEU B 120 -6.32 14.31 -19.25
N ARG B 121 -7.46 13.69 -19.53
CA ARG B 121 -8.18 13.04 -18.42
C ARG B 121 -7.62 11.63 -18.13
N MET B 122 -7.09 11.04 -19.20
CA MET B 122 -6.33 9.79 -19.10
C MET B 122 -5.08 10.04 -18.33
N GLU B 123 -4.38 11.11 -18.65
CA GLU B 123 -3.19 11.40 -17.85
C GLU B 123 -3.51 11.46 -16.36
N HIS B 124 -4.51 12.26 -15.98
CA HIS B 124 -4.99 12.29 -14.60
C HIS B 124 -5.34 10.88 -14.01
N LEU B 125 -6.07 10.06 -14.77
CA LEU B 125 -6.37 8.68 -14.36
C LEU B 125 -5.14 7.78 -14.18
N VAL B 126 -4.16 7.79 -15.08
CA VAL B 126 -2.94 6.97 -14.85
C VAL B 126 -2.27 7.44 -13.53
N LEU B 127 -2.23 8.76 -13.36
CA LEU B 127 -1.61 9.33 -12.17
C LEU B 127 -2.22 8.76 -10.90
N LYS B 128 -3.57 8.61 -10.90
CA LYS B 128 -4.30 8.10 -9.75
C LYS B 128 -4.09 6.61 -9.63
N VAL B 129 -4.05 5.92 -10.75
CA VAL B 129 -3.96 4.49 -10.60
C VAL B 129 -2.56 4.16 -10.10
N LEU B 130 -1.57 4.91 -10.63
CA LEU B 130 -0.19 4.72 -10.21
C LEU B 130 0.22 5.39 -8.88
N THR B 131 -0.71 6.13 -8.25
CA THR B 131 -0.55 6.96 -7.03
C THR B 131 0.66 7.87 -7.06
N PHE B 132 0.74 8.56 -8.17
CA PHE B 132 1.86 9.34 -8.63
C PHE B 132 3.20 8.62 -8.56
N ASP B 133 3.23 7.30 -8.48
CA ASP B 133 4.53 6.68 -8.33
C ASP B 133 5.21 6.40 -9.66
N LEU B 134 5.87 7.43 -10.22
CA LEU B 134 6.42 7.38 -11.58
C LEU B 134 7.93 7.05 -11.74
N ALA B 135 8.68 7.18 -10.65
CA ALA B 135 10.14 6.97 -10.65
C ALA B 135 10.55 5.53 -10.52
N ALA B 136 10.09 4.71 -11.47
CA ALA B 136 10.22 3.25 -11.48
C ALA B 136 11.53 2.85 -12.10
N PRO B 137 12.20 1.84 -11.53
CA PRO B 137 13.40 1.25 -12.17
C PRO B 137 13.08 0.65 -13.50
N THR B 138 14.00 0.71 -14.45
CA THR B 138 13.76 0.09 -15.76
C THR B 138 14.97 -0.73 -16.14
N VAL B 139 14.78 -1.62 -17.12
CA VAL B 139 15.92 -2.36 -17.72
C VAL B 139 17.03 -1.40 -18.11
N ASN B 140 16.65 -0.22 -18.60
CA ASN B 140 17.64 0.80 -18.97
C ASN B 140 18.55 1.25 -17.83
N GLN B 141 17.99 1.52 -16.66
CA GLN B 141 18.80 1.98 -15.50
C GLN B 141 19.75 0.91 -14.99
N PHE B 142 19.37 -0.37 -15.19
CA PHE B 142 20.23 -1.47 -14.80
C PHE B 142 21.43 -1.68 -15.75
N LEU B 143 21.14 -1.81 -17.05
CA LEU B 143 22.15 -1.97 -18.13
C LEU B 143 23.24 -0.93 -17.98
N THR B 144 22.78 0.28 -17.73
CA THR B 144 23.63 1.44 -17.75
C THR B 144 24.59 1.32 -16.58
N GLN B 145 24.13 0.74 -15.47
CA GLN B 145 25.04 0.37 -14.38
C GLN B 145 26.00 -0.77 -14.75
N TYR B 146 25.47 -1.83 -15.38
CA TYR B 146 26.22 -2.98 -15.82
C TYR B 146 27.33 -2.61 -16.80
N PHE B 147 27.04 -1.64 -17.68
CA PHE B 147 28.03 -1.14 -18.63
C PHE B 147 29.29 -0.66 -17.92
N LEU B 148 29.17 -0.23 -16.68
CA LEU B 148 30.38 0.30 -15.99
C LEU B 148 31.41 -0.80 -15.82
N HIS B 149 30.97 -2.04 -16.01
CA HIS B 149 31.78 -3.20 -15.72
C HIS B 149 32.46 -3.80 -16.93
N GLN B 150 32.41 -3.08 -18.02
CA GLN B 150 33.09 -3.53 -19.20
C GLN B 150 34.57 -3.19 -19.11
N GLN B 151 35.38 -4.03 -19.71
CA GLN B 151 36.80 -3.76 -19.84
C GLN B 151 37.21 -4.29 -21.20
N PRO B 152 37.54 -3.38 -22.13
CA PRO B 152 37.15 -1.96 -22.03
C PRO B 152 35.70 -1.81 -22.51
N ALA B 153 35.11 -0.61 -22.44
CA ALA B 153 33.77 -0.41 -22.91
C ALA B 153 33.71 -0.69 -24.39
N ASN B 154 32.53 -1.02 -24.88
CA ASN B 154 32.39 -1.47 -26.23
C ASN B 154 31.03 -0.95 -26.70
N CYS B 155 31.05 0.02 -27.60
CA CYS B 155 29.82 0.66 -28.02
C CYS B 155 28.81 -0.32 -28.56
N LYS B 156 29.27 -1.34 -29.30
CA LYS B 156 28.39 -2.35 -29.91
C LYS B 156 27.65 -3.18 -28.92
N VAL B 157 28.38 -3.70 -27.92
CA VAL B 157 27.79 -4.40 -26.78
C VAL B 157 26.65 -3.53 -26.16
N GLU B 158 26.96 -2.30 -25.77
CA GLU B 158 25.96 -1.41 -25.20
C GLU B 158 24.73 -1.32 -26.09
N SER B 159 24.93 -0.97 -27.36
CA SER B 159 23.80 -0.87 -28.25
C SER B 159 23.05 -2.18 -28.43
N LEU B 160 23.79 -3.26 -28.55
CA LEU B 160 23.13 -4.55 -28.60
C LEU B 160 22.34 -4.78 -27.31
N ALA B 161 22.94 -4.56 -26.14
CA ALA B 161 22.18 -4.71 -24.86
C ALA B 161 20.87 -3.90 -24.86
N MET B 162 21.01 -2.59 -25.05
CA MET B 162 19.86 -1.71 -25.25
C MET B 162 18.81 -2.27 -26.22
N PHE B 163 19.27 -2.91 -27.28
CA PHE B 163 18.38 -3.37 -28.33
C PHE B 163 17.52 -4.57 -27.86
N LEU B 164 18.15 -5.57 -27.26
CA LEU B 164 17.45 -6.71 -26.69
C LEU B 164 16.55 -6.42 -25.44
N GLY B 165 17.00 -5.51 -24.58
CA GLY B 165 16.24 -5.10 -23.44
C GLY B 165 15.04 -4.50 -24.07
N GLU B 166 15.25 -3.76 -25.15
CA GLU B 166 14.13 -3.10 -25.80
C GLU B 166 13.12 -4.10 -26.41
N LEU B 167 13.62 -5.14 -27.08
CA LEU B 167 12.73 -6.14 -27.62
C LEU B 167 11.81 -6.65 -26.52
N SER B 168 12.37 -6.75 -25.31
CA SER B 168 11.71 -7.46 -24.21
C SER B 168 10.46 -6.74 -23.75
N LEU B 169 10.36 -5.47 -24.10
CA LEU B 169 9.17 -4.67 -23.79
C LEU B 169 8.02 -5.14 -24.66
N ILE B 170 8.38 -5.69 -25.81
CA ILE B 170 7.38 -5.86 -26.83
C ILE B 170 6.50 -7.02 -26.42
N ASP B 171 7.07 -8.06 -25.82
CA ASP B 171 6.31 -9.33 -25.61
C ASP B 171 6.02 -9.67 -24.15
N ALA B 172 4.82 -9.38 -23.70
CA ALA B 172 4.46 -9.53 -22.30
C ALA B 172 4.66 -10.98 -21.85
N ASP B 173 4.28 -11.90 -22.75
CA ASP B 173 4.72 -13.30 -22.66
C ASP B 173 5.96 -13.45 -23.51
N PRO B 174 7.12 -13.79 -22.94
CA PRO B 174 7.32 -14.05 -21.52
C PRO B 174 7.80 -12.91 -20.59
N TYR B 175 8.10 -11.72 -21.09
CA TYR B 175 8.96 -10.85 -20.29
C TYR B 175 8.37 -10.20 -19.05
N LEU B 176 7.05 -10.22 -18.94
CA LEU B 176 6.40 -9.76 -17.73
C LEU B 176 6.76 -10.53 -16.45
N LYS B 177 7.48 -11.64 -16.51
CA LYS B 177 7.77 -12.38 -15.27
C LYS B 177 9.20 -12.31 -14.86
N TYR B 178 9.91 -11.41 -15.52
CA TYR B 178 11.28 -11.14 -15.20
C TYR B 178 11.43 -9.70 -14.73
N LEU B 179 12.24 -9.52 -13.71
CA LEU B 179 12.48 -8.18 -13.21
C LEU B 179 13.43 -7.44 -14.13
N PRO B 180 13.29 -6.11 -14.18
CA PRO B 180 14.24 -5.24 -14.89
C PRO B 180 15.69 -5.63 -14.78
N SER B 181 16.06 -6.01 -13.55
CA SER B 181 17.42 -6.25 -13.22
C SER B 181 17.92 -7.50 -13.91
N VAL B 182 16.98 -8.42 -14.11
CA VAL B 182 17.29 -9.74 -14.69
C VAL B 182 17.28 -9.64 -16.19
N ILE B 183 16.31 -8.95 -16.77
CA ILE B 183 16.31 -8.80 -18.19
C ILE B 183 17.59 -8.12 -18.62
N ALA B 184 17.90 -7.01 -17.94
CA ALA B 184 19.15 -6.30 -18.18
C ALA B 184 20.36 -7.25 -18.09
N GLY B 185 20.32 -8.21 -17.15
CA GLY B 185 21.42 -9.14 -17.00
C GLY B 185 21.60 -10.06 -18.17
N ALA B 186 20.51 -10.76 -18.50
CA ALA B 186 20.42 -11.53 -19.75
C ALA B 186 20.79 -10.69 -21.00
N ALA B 187 20.25 -9.50 -21.10
CA ALA B 187 20.59 -8.60 -22.18
C ALA B 187 22.04 -8.41 -22.29
N PHE B 188 22.67 -7.97 -21.20
CA PHE B 188 24.10 -7.65 -21.26
C PHE B 188 24.95 -8.89 -21.48
N HIS B 189 24.59 -10.01 -20.87
CA HIS B 189 25.38 -11.21 -21.09
C HIS B 189 25.25 -11.56 -22.57
N LEU B 190 24.03 -11.51 -23.08
CA LEU B 190 23.80 -11.87 -24.45
C LEU B 190 24.54 -10.91 -25.39
N ALA B 191 24.48 -9.62 -25.14
CA ALA B 191 25.20 -8.71 -26.04
C ALA B 191 26.72 -8.99 -26.07
N LEU B 192 27.30 -9.16 -24.88
CA LEU B 192 28.73 -9.29 -24.66
C LEU B 192 29.24 -10.51 -25.35
N TYR B 193 28.52 -11.60 -25.15
CA TYR B 193 28.82 -12.84 -25.79
C TYR B 193 28.68 -12.71 -27.31
N THR B 194 27.61 -12.06 -27.79
CA THR B 194 27.34 -12.06 -29.20
C THR B 194 28.51 -11.43 -29.86
N VAL B 195 28.85 -10.25 -29.32
CA VAL B 195 29.82 -9.37 -29.97
C VAL B 195 31.21 -9.86 -29.70
N THR B 196 31.55 -10.11 -28.43
CA THR B 196 32.94 -10.34 -28.02
C THR B 196 33.30 -11.78 -27.60
N GLY B 197 32.30 -12.61 -27.36
CA GLY B 197 32.57 -13.95 -26.90
C GLY B 197 32.74 -14.10 -25.39
N GLN B 198 32.83 -12.99 -24.66
CA GLN B 198 32.90 -13.05 -23.20
C GLN B 198 31.54 -13.31 -22.54
N SER B 199 31.59 -13.60 -21.23
CA SER B 199 30.40 -13.84 -20.40
C SER B 199 30.23 -12.79 -19.31
N TRP B 200 29.04 -12.72 -18.73
CA TRP B 200 28.73 -12.09 -17.45
C TRP B 200 29.90 -12.10 -16.49
N PRO B 201 30.55 -10.95 -16.33
CA PRO B 201 31.77 -10.84 -15.52
C PRO B 201 31.54 -11.09 -14.04
N GLU B 202 32.55 -11.70 -13.45
CA GLU B 202 32.57 -12.00 -12.02
C GLU B 202 32.25 -10.76 -11.19
N SER B 203 32.58 -9.58 -11.72
CA SER B 203 32.31 -8.38 -10.93
C SER B 203 30.79 -8.06 -10.82
N LEU B 204 30.01 -8.47 -11.83
CA LEU B 204 28.57 -8.31 -11.79
C LEU B 204 27.91 -9.38 -10.94
N ILE B 205 28.58 -10.52 -10.74
CA ILE B 205 28.07 -11.51 -9.80
C ILE B 205 28.18 -10.95 -8.41
N ARG B 206 29.31 -10.32 -8.15
CA ARG B 206 29.57 -9.77 -6.85
C ARG B 206 28.62 -8.64 -6.68
N LYS B 207 28.38 -7.90 -7.78
CA LYS B 207 27.54 -6.70 -7.68
C LYS B 207 26.08 -7.02 -7.42
N THR B 208 25.52 -7.95 -8.22
CA THR B 208 24.08 -8.18 -8.39
C THR B 208 23.61 -9.45 -7.71
N GLY B 209 24.61 -10.32 -7.45
CA GLY B 209 24.39 -11.63 -6.87
C GLY B 209 23.87 -12.64 -7.87
N TYR B 210 23.62 -12.19 -9.11
CA TYR B 210 23.16 -13.06 -10.21
C TYR B 210 24.32 -13.81 -10.92
N THR B 211 24.08 -15.09 -11.22
CA THR B 211 25.02 -15.87 -12.00
C THR B 211 24.33 -16.21 -13.28
N LEU B 212 25.10 -16.73 -14.22
CA LEU B 212 24.57 -17.33 -15.40
C LEU B 212 23.39 -18.22 -15.07
N GLU B 213 23.60 -19.10 -14.09
CA GLU B 213 22.56 -20.03 -13.61
C GLU B 213 21.25 -19.28 -13.27
N SER B 214 21.33 -18.25 -12.46
CA SER B 214 20.13 -17.47 -12.20
C SER B 214 19.49 -16.85 -13.47
N LEU B 215 20.32 -16.47 -14.43
CA LEU B 215 19.82 -15.69 -15.60
C LEU B 215 19.35 -16.58 -16.72
N LYS B 216 19.87 -17.82 -16.73
CA LYS B 216 19.48 -18.86 -17.69
C LYS B 216 18.01 -18.80 -18.13
N PRO B 217 17.05 -18.97 -17.21
CA PRO B 217 15.64 -18.98 -17.63
C PRO B 217 15.36 -17.85 -18.62
N CYS B 218 15.65 -16.60 -18.22
CA CYS B 218 15.46 -15.36 -19.00
C CYS B 218 16.34 -15.30 -20.24
N LEU B 219 17.61 -15.64 -20.06
CA LEU B 219 18.54 -15.85 -21.17
C LEU B 219 17.99 -16.77 -22.27
N MET B 220 17.39 -17.89 -21.89
CA MET B 220 16.76 -18.75 -22.91
C MET B 220 15.64 -18.05 -23.68
N ASP B 221 14.71 -17.44 -22.96
CA ASP B 221 13.65 -16.68 -23.60
C ASP B 221 14.27 -15.66 -24.51
N LEU B 222 15.14 -14.81 -23.96
CA LEU B 222 15.69 -13.68 -24.71
C LEU B 222 16.44 -14.13 -25.97
N HIS B 223 17.31 -15.11 -25.80
CA HIS B 223 17.99 -15.73 -26.92
C HIS B 223 16.98 -16.08 -28.05
N GLN B 224 15.90 -16.76 -27.70
CA GLN B 224 14.90 -17.05 -28.71
C GLN B 224 14.31 -15.78 -29.32
N THR B 225 14.16 -14.71 -28.52
CA THR B 225 13.53 -13.54 -29.06
C THR B 225 14.49 -12.89 -30.05
N TYR B 226 15.75 -12.96 -29.71
CA TYR B 226 16.82 -12.50 -30.57
C TYR B 226 16.79 -13.24 -31.90
N LEU B 227 16.90 -14.58 -31.84
CA LEU B 227 16.86 -15.41 -33.05
C LEU B 227 15.63 -15.19 -33.96
N LYS B 228 14.50 -14.80 -33.37
CA LYS B 228 13.22 -14.76 -34.10
C LYS B 228 12.80 -13.34 -34.47
N ALA B 229 13.55 -12.36 -33.98
CA ALA B 229 13.22 -10.98 -34.19
C ALA B 229 12.94 -10.61 -35.66
N PRO B 230 13.79 -11.03 -36.62
CA PRO B 230 13.52 -10.64 -38.02
C PRO B 230 12.13 -11.07 -38.47
N GLN B 231 11.54 -12.04 -37.77
CA GLN B 231 10.27 -12.63 -38.15
C GLN B 231 9.04 -12.19 -37.32
N HIS B 232 9.29 -11.43 -36.25
CA HIS B 232 8.25 -10.98 -35.33
C HIS B 232 7.22 -10.14 -36.07
N ALA B 233 5.98 -10.13 -35.59
CA ALA B 233 5.00 -9.20 -36.18
C ALA B 233 5.42 -7.72 -36.04
N GLN B 234 6.04 -7.37 -34.90
CA GLN B 234 6.47 -5.99 -34.67
C GLN B 234 7.92 -5.74 -35.06
N GLN B 235 8.19 -4.68 -35.81
CA GLN B 235 9.54 -4.47 -36.37
C GLN B 235 10.19 -3.13 -36.07
N SER B 236 9.53 -2.23 -35.31
CA SER B 236 10.07 -0.89 -35.14
C SER B 236 11.44 -0.79 -34.44
N ILE B 237 11.66 -1.67 -33.46
CA ILE B 237 12.91 -1.67 -32.73
C ILE B 237 14.03 -2.08 -33.70
N ARG B 238 13.85 -3.19 -34.41
CA ARG B 238 14.81 -3.57 -35.46
C ARG B 238 15.19 -2.38 -36.34
N GLU B 239 14.23 -1.59 -36.80
CA GLU B 239 14.57 -0.47 -37.68
C GLU B 239 15.33 0.59 -36.92
N LYS B 240 14.76 1.00 -35.78
CA LYS B 240 15.45 1.91 -34.91
C LYS B 240 16.91 1.49 -34.82
N TYR B 241 17.19 0.20 -34.59
CA TYR B 241 18.53 -0.17 -34.21
C TYR B 241 19.48 -0.47 -35.39
N LYS B 242 19.15 0.14 -36.51
CA LYS B 242 19.98 0.08 -37.70
C LYS B 242 20.71 1.40 -37.75
N ASN B 243 20.23 2.34 -36.95
CA ASN B 243 20.73 3.67 -37.07
C ASN B 243 22.11 3.84 -36.47
N SER B 244 22.80 4.85 -37.00
CA SER B 244 24.22 5.01 -36.78
C SER B 244 24.43 5.29 -35.30
N LYS B 245 23.38 5.85 -34.69
CA LYS B 245 23.41 6.29 -33.29
C LYS B 245 23.53 5.08 -32.36
N TYR B 246 22.96 3.94 -32.79
CA TYR B 246 23.13 2.67 -32.10
C TYR B 246 24.02 1.71 -32.86
N HIS B 247 25.01 2.25 -33.58
CA HIS B 247 26.00 1.41 -34.29
C HIS B 247 25.40 0.23 -35.01
N GLY B 248 24.29 0.41 -35.72
CA GLY B 248 23.64 -0.63 -36.52
C GLY B 248 23.53 -2.07 -35.99
N VAL B 249 23.47 -2.24 -34.66
CA VAL B 249 23.54 -3.59 -34.06
C VAL B 249 22.37 -4.52 -34.42
N SER B 250 21.23 -3.96 -34.88
CA SER B 250 20.16 -4.89 -35.29
C SER B 250 20.66 -5.74 -36.46
N LEU B 251 21.67 -5.25 -37.17
CA LEU B 251 22.27 -6.01 -38.27
C LEU B 251 23.33 -7.04 -37.91
N LEU B 252 23.62 -7.18 -36.60
CA LEU B 252 24.56 -8.19 -36.07
C LEU B 252 23.81 -9.50 -36.00
N ASN B 253 24.46 -10.61 -36.34
CA ASN B 253 23.79 -11.93 -36.30
C ASN B 253 23.80 -12.53 -34.92
N PRO B 254 22.64 -12.96 -34.46
CA PRO B 254 22.54 -13.58 -33.14
C PRO B 254 23.45 -14.80 -33.12
N PRO B 255 23.99 -15.17 -31.96
CA PRO B 255 24.74 -16.44 -31.84
C PRO B 255 23.79 -17.61 -32.08
N GLU B 256 24.31 -18.70 -32.64
CA GLU B 256 23.46 -19.82 -33.01
C GLU B 256 23.17 -20.64 -31.77
N THR B 257 24.18 -20.72 -30.91
CA THR B 257 24.01 -21.30 -29.56
C THR B 257 24.62 -20.38 -28.50
N LEU B 258 24.18 -20.60 -27.28
CA LEU B 258 24.66 -19.88 -26.11
C LEU B 258 25.63 -20.68 -25.28
N ASN B 259 25.63 -21.99 -25.48
CA ASN B 259 26.56 -22.88 -24.79
C ASN B 259 26.67 -22.54 -23.31
N LEU B 260 25.54 -22.68 -22.60
CA LEU B 260 25.53 -22.61 -21.15
C LEU B 260 25.80 -23.99 -20.58
N SER C 4 -14.96 13.59 -9.13
CA SER C 4 -15.03 12.41 -8.22
C SER C 4 -15.45 11.16 -9.03
N MET C 5 -16.61 11.31 -9.65
CA MET C 5 -17.23 10.30 -10.48
C MET C 5 -17.33 10.80 -11.92
N GLU C 6 -16.53 11.82 -12.23
CA GLU C 6 -16.46 12.36 -13.59
C GLU C 6 -16.33 11.26 -14.63
N ASN C 7 -15.51 10.26 -14.33
CA ASN C 7 -15.23 9.22 -15.32
C ASN C 7 -16.28 8.12 -15.47
N PHE C 8 -17.37 8.21 -14.71
CA PHE C 8 -18.39 7.19 -14.80
C PHE C 8 -19.67 7.69 -15.42
N GLN C 9 -20.18 6.88 -16.32
CA GLN C 9 -21.42 7.14 -17.00
C GLN C 9 -22.45 6.07 -16.58
N LYS C 10 -23.55 6.49 -15.95
CA LYS C 10 -24.62 5.56 -15.57
C LYS C 10 -25.34 4.98 -16.79
N VAL C 11 -25.68 3.72 -16.70
CA VAL C 11 -26.34 3.08 -17.81
C VAL C 11 -27.80 2.91 -17.47
N GLU C 12 -28.04 2.11 -16.43
CA GLU C 12 -29.35 1.72 -15.98
C GLU C 12 -29.17 1.24 -14.57
N LYS C 13 -30.21 1.38 -13.76
CA LYS C 13 -30.23 0.84 -12.41
C LYS C 13 -30.43 -0.67 -12.54
N ILE C 14 -29.90 -1.41 -11.58
CA ILE C 14 -29.99 -2.87 -11.56
C ILE C 14 -30.86 -3.38 -10.40
N GLY C 15 -30.65 -2.82 -9.21
CA GLY C 15 -31.37 -3.27 -8.05
C GLY C 15 -30.76 -2.82 -6.75
N GLU C 16 -31.43 -3.15 -5.65
CA GLU C 16 -31.02 -2.74 -4.32
C GLU C 16 -30.82 -3.99 -3.47
N GLY C 17 -29.65 -4.17 -2.89
CA GLY C 17 -29.40 -5.31 -2.04
C GLY C 17 -29.79 -4.98 -0.62
N THR C 18 -28.97 -5.39 0.34
CA THR C 18 -29.33 -5.23 1.73
C THR C 18 -29.14 -3.78 2.17
N TYR C 19 -28.19 -3.10 1.52
CA TYR C 19 -28.03 -1.65 1.60
C TYR C 19 -27.58 -1.06 0.24
N GLY C 20 -27.82 0.25 0.07
CA GLY C 20 -27.34 1.02 -1.07
C GLY C 20 -28.12 0.75 -2.33
N VAL C 21 -27.71 1.38 -3.43
CA VAL C 21 -28.28 1.05 -4.74
C VAL C 21 -27.17 0.63 -5.69
N VAL C 22 -27.49 -0.30 -6.60
CA VAL C 22 -26.53 -0.79 -7.59
C VAL C 22 -26.94 -0.45 -9.02
N TYR C 23 -26.11 0.38 -9.67
CA TYR C 23 -26.26 0.72 -11.08
C TYR C 23 -25.25 0.01 -11.95
N LYS C 24 -25.54 -0.03 -13.24
CA LYS C 24 -24.51 -0.30 -14.25
C LYS C 24 -23.82 1.04 -14.57
N ALA C 25 -22.52 1.02 -14.86
CA ALA C 25 -21.86 2.21 -15.33
C ALA C 25 -20.76 1.89 -16.32
N ARG C 26 -20.44 2.84 -17.18
CA ARG C 26 -19.28 2.69 -18.03
C ARG C 26 -18.23 3.73 -17.80
N ASN C 27 -17.04 3.23 -17.52
CA ASN C 27 -15.88 4.09 -17.44
C ASN C 27 -15.64 4.69 -18.82
N LYS C 28 -15.74 6.00 -18.88
CA LYS C 28 -15.69 6.77 -20.12
C LYS C 28 -14.31 6.69 -20.76
N LEU C 29 -13.32 6.58 -19.89
CA LEU C 29 -11.95 6.61 -20.31
C LEU C 29 -11.46 5.25 -20.75
N THR C 30 -11.71 4.25 -19.91
CA THR C 30 -11.27 2.89 -20.18
C THR C 30 -12.32 2.08 -20.98
N GLY C 31 -13.58 2.46 -20.86
CA GLY C 31 -14.65 1.69 -21.44
C GLY C 31 -15.08 0.53 -20.55
N GLU C 32 -14.41 0.34 -19.42
CA GLU C 32 -14.88 -0.62 -18.44
C GLU C 32 -16.35 -0.44 -18.11
N VAL C 33 -17.07 -1.56 -18.07
CA VAL C 33 -18.39 -1.60 -17.52
C VAL C 33 -18.31 -2.16 -16.15
N VAL C 34 -18.94 -1.45 -15.23
CA VAL C 34 -18.87 -1.76 -13.82
C VAL C 34 -20.26 -1.70 -13.16
N ALA C 35 -20.31 -2.15 -11.91
CA ALA C 35 -21.49 -2.06 -11.12
C ALA C 35 -21.12 -1.11 -10.02
N LEU C 36 -21.83 -0.01 -9.88
CA LEU C 36 -21.58 0.94 -8.82
C LEU C 36 -22.58 0.75 -7.70
N LYS C 37 -22.08 0.64 -6.48
CA LYS C 37 -22.94 0.65 -5.34
C LYS C 37 -22.85 2.03 -4.75
N LYS C 38 -23.96 2.76 -4.84
CA LYS C 38 -24.05 4.08 -4.26
C LYS C 38 -24.66 3.92 -2.87
N ILE C 39 -24.11 4.67 -1.92
CA ILE C 39 -24.41 4.53 -0.51
C ILE C 39 -24.50 5.90 0.12
N ARG C 40 -25.66 6.17 0.76
CA ARG C 40 -25.96 7.44 1.40
C ARG C 40 -25.12 7.55 2.65
N LEU C 41 -24.47 8.70 2.83
CA LEU C 41 -23.77 8.92 4.07
C LEU C 41 -24.61 9.80 4.99
N ASP C 42 -24.83 9.27 6.20
CA ASP C 42 -25.68 9.85 7.23
C ASP C 42 -24.88 10.85 8.01
N THR C 43 -24.52 11.90 7.28
CA THR C 43 -23.59 12.94 7.71
C THR C 43 -24.00 13.74 8.93
N GLU C 44 -25.24 13.58 9.34
CA GLU C 44 -25.69 14.16 10.61
C GLU C 44 -26.05 13.17 11.70
N THR C 45 -26.15 11.88 11.39
CA THR C 45 -26.72 10.92 12.35
C THR C 45 -25.85 9.71 12.72
N GLU C 46 -25.88 8.61 11.97
CA GLU C 46 -24.99 7.50 12.34
C GLU C 46 -23.64 7.48 11.60
N GLY C 47 -23.51 8.24 10.50
CA GLY C 47 -22.33 8.24 9.69
C GLY C 47 -22.28 7.08 8.71
N VAL C 48 -21.09 6.50 8.51
CA VAL C 48 -20.92 5.36 7.62
C VAL C 48 -21.53 4.10 8.24
N PRO C 49 -22.43 3.43 7.54
CA PRO C 49 -23.13 2.31 8.15
C PRO C 49 -22.17 1.12 8.38
N SER C 50 -22.47 0.33 9.40
CA SER C 50 -21.69 -0.86 9.68
C SER C 50 -21.64 -1.82 8.48
N THR C 51 -22.67 -1.79 7.62
CA THR C 51 -22.75 -2.77 6.56
C THR C 51 -21.76 -2.56 5.41
N ALA C 52 -21.43 -1.30 5.14
CA ALA C 52 -20.43 -0.94 4.16
C ALA C 52 -19.07 -1.14 4.80
N ILE C 53 -18.90 -0.62 6.03
CA ILE C 53 -17.70 -0.86 6.80
C ILE C 53 -17.34 -2.35 6.75
N ARG C 54 -18.27 -3.22 7.14
CA ARG C 54 -18.04 -4.67 7.05
C ARG C 54 -17.84 -5.08 5.61
N GLU C 55 -18.73 -4.66 4.71
CA GLU C 55 -18.57 -5.09 3.33
C GLU C 55 -17.23 -4.68 2.72
N ILE C 56 -16.77 -3.45 2.98
CA ILE C 56 -15.55 -2.95 2.33
C ILE C 56 -14.28 -3.61 2.84
N SER C 57 -14.11 -3.62 4.15
CA SER C 57 -12.93 -4.22 4.79
C SER C 57 -12.73 -5.66 4.41
N LEU C 58 -13.80 -6.46 4.49
CA LEU C 58 -13.77 -7.90 4.16
C LEU C 58 -13.67 -8.21 2.69
N LEU C 59 -14.36 -7.46 1.86
CA LEU C 59 -14.24 -7.70 0.44
C LEU C 59 -12.85 -7.32 -0.12
N LYS C 60 -12.11 -6.55 0.67
CA LYS C 60 -10.76 -6.17 0.30
C LYS C 60 -9.74 -7.28 0.62
N GLU C 61 -10.07 -8.09 1.63
CA GLU C 61 -9.29 -9.27 1.99
C GLU C 61 -9.60 -10.48 1.10
N LEU C 62 -10.74 -10.45 0.43
CA LEU C 62 -11.19 -11.64 -0.26
C LEU C 62 -10.98 -11.49 -1.74
N ASN C 63 -9.92 -12.11 -2.25
CA ASN C 63 -9.72 -12.09 -3.69
C ASN C 63 -9.71 -13.48 -4.20
N HIS C 64 -10.88 -13.93 -4.63
CA HIS C 64 -11.04 -15.26 -5.18
C HIS C 64 -11.76 -15.06 -6.51
N PRO C 65 -11.45 -15.91 -7.50
CA PRO C 65 -12.16 -15.87 -8.78
C PRO C 65 -13.67 -16.10 -8.67
N ASN C 66 -14.14 -16.65 -7.55
CA ASN C 66 -15.60 -16.82 -7.33
C ASN C 66 -16.22 -15.94 -6.23
N ILE C 67 -15.48 -14.91 -5.79
CA ILE C 67 -16.02 -13.84 -4.95
C ILE C 67 -15.93 -12.52 -5.71
N VAL C 68 -17.07 -11.83 -5.86
CA VAL C 68 -17.12 -10.60 -6.65
C VAL C 68 -15.94 -9.64 -6.31
N LYS C 69 -15.38 -9.02 -7.34
CA LYS C 69 -14.22 -8.17 -7.17
C LYS C 69 -14.62 -6.70 -6.91
N LEU C 70 -14.21 -6.20 -5.76
CA LEU C 70 -14.30 -4.80 -5.40
C LEU C 70 -13.12 -4.02 -5.97
N LEU C 71 -13.39 -3.15 -6.94
CA LEU C 71 -12.37 -2.55 -7.75
C LEU C 71 -11.79 -1.30 -7.11
N ASP C 72 -12.64 -0.58 -6.39
CA ASP C 72 -12.31 0.75 -5.95
C ASP C 72 -13.37 1.29 -4.94
N VAL C 73 -12.97 2.29 -4.17
CA VAL C 73 -13.83 2.89 -3.18
C VAL C 73 -13.62 4.38 -3.34
N ILE C 74 -14.69 5.08 -3.72
CA ILE C 74 -14.61 6.53 -3.91
C ILE C 74 -15.32 7.21 -2.77
N HIS C 75 -14.58 8.07 -2.10
CA HIS C 75 -15.00 8.60 -0.82
C HIS C 75 -15.46 10.04 -0.88
N THR C 76 -16.74 10.29 -1.11
CA THR C 76 -17.26 11.66 -0.93
C THR C 76 -17.76 11.90 0.51
N GLU C 77 -17.83 13.19 0.87
CA GLU C 77 -18.41 13.69 2.11
C GLU C 77 -19.79 13.07 2.35
N ASN C 78 -20.59 12.97 1.29
CA ASN C 78 -22.01 12.58 1.36
C ASN C 78 -22.35 11.20 0.80
N LYS C 79 -21.65 10.79 -0.26
CA LYS C 79 -21.85 9.46 -0.82
C LYS C 79 -20.63 8.58 -0.63
N LEU C 80 -20.79 7.29 -0.84
CA LEU C 80 -19.68 6.38 -0.86
C LEU C 80 -19.99 5.51 -2.04
N TYR C 81 -19.03 5.32 -2.94
CA TYR C 81 -19.27 4.45 -4.09
C TYR C 81 -18.35 3.29 -4.11
N LEU C 82 -18.93 2.10 -4.23
CA LEU C 82 -18.17 0.88 -4.37
C LEU C 82 -18.07 0.58 -5.85
N VAL C 83 -16.85 0.54 -6.38
CA VAL C 83 -16.69 0.18 -7.78
C VAL C 83 -16.43 -1.31 -7.86
N PHE C 84 -17.25 -2.00 -8.63
CA PHE C 84 -17.29 -3.46 -8.65
C PHE C 84 -17.18 -3.91 -10.09
N GLU C 85 -16.59 -5.07 -10.34
CA GLU C 85 -16.74 -5.69 -11.66
C GLU C 85 -18.25 -5.93 -11.95
N PHE C 86 -18.63 -5.76 -13.21
CA PHE C 86 -19.93 -6.10 -13.69
C PHE C 86 -19.98 -7.57 -14.10
N LEU C 87 -21.04 -8.24 -13.69
CA LEU C 87 -21.37 -9.54 -14.23
C LEU C 87 -22.72 -9.47 -14.93
N HIS C 88 -22.91 -10.35 -15.90
CA HIS C 88 -24.13 -10.39 -16.73
C HIS C 88 -25.48 -10.45 -16.01
N GLN C 89 -25.62 -11.25 -14.95
CA GLN C 89 -26.91 -11.39 -14.27
C GLN C 89 -26.79 -12.27 -13.05
N ASP C 90 -27.87 -12.37 -12.26
CA ASP C 90 -27.80 -13.17 -11.02
C ASP C 90 -28.34 -14.57 -11.23
N LEU C 91 -28.19 -15.40 -10.20
CA LEU C 91 -28.62 -16.79 -10.28
C LEU C 91 -30.14 -16.91 -10.27
N LYS C 92 -30.83 -16.20 -9.37
CA LYS C 92 -32.29 -16.22 -9.42
C LYS C 92 -32.79 -15.99 -10.84
N LYS C 93 -32.26 -15.00 -11.53
CA LYS C 93 -32.73 -14.65 -12.86
C LYS C 93 -32.26 -15.67 -13.88
N PHE C 94 -31.30 -16.50 -13.50
CA PHE C 94 -30.93 -17.60 -14.37
C PHE C 94 -31.89 -18.75 -14.16
N MET C 95 -32.14 -19.07 -12.90
CA MET C 95 -33.21 -19.99 -12.49
C MET C 95 -34.55 -19.86 -13.27
N ASP C 96 -35.10 -18.64 -13.35
CA ASP C 96 -36.31 -18.34 -14.13
C ASP C 96 -36.13 -18.61 -15.63
N ALA C 97 -35.31 -17.80 -16.29
CA ALA C 97 -35.04 -17.99 -17.71
C ALA C 97 -34.87 -19.45 -18.10
N SER C 98 -34.55 -20.28 -17.12
CA SER C 98 -34.21 -21.67 -17.38
C SER C 98 -35.41 -22.62 -17.19
N ALA C 99 -36.34 -22.22 -16.30
CA ALA C 99 -37.42 -23.06 -15.76
C ALA C 99 -38.18 -24.00 -16.74
N LEU C 100 -38.51 -23.51 -17.94
CA LEU C 100 -38.98 -24.39 -18.99
C LEU C 100 -37.98 -25.54 -18.99
N THR C 101 -36.92 -25.42 -19.80
CA THR C 101 -35.90 -26.47 -20.00
C THR C 101 -35.14 -26.99 -18.75
N GLY C 102 -34.95 -26.14 -17.74
CA GLY C 102 -34.14 -26.48 -16.57
C GLY C 102 -32.63 -26.29 -16.78
N ILE C 103 -31.90 -26.29 -15.67
CA ILE C 103 -30.42 -26.14 -15.68
C ILE C 103 -29.74 -27.50 -15.74
N PRO C 104 -29.00 -27.73 -16.83
CA PRO C 104 -28.15 -28.92 -16.98
C PRO C 104 -27.34 -29.27 -15.73
N LEU C 105 -27.24 -30.58 -15.48
CA LEU C 105 -26.42 -31.13 -14.38
C LEU C 105 -24.97 -30.67 -14.42
N PRO C 106 -24.36 -30.67 -15.61
CA PRO C 106 -22.99 -30.16 -15.75
C PRO C 106 -22.83 -28.73 -15.22
N LEU C 107 -23.71 -27.84 -15.67
CA LEU C 107 -23.77 -26.47 -15.18
C LEU C 107 -24.00 -26.40 -13.67
N ILE C 108 -24.93 -27.20 -13.18
CA ILE C 108 -25.28 -27.17 -11.76
C ILE C 108 -24.09 -27.57 -10.94
N LYS C 109 -23.56 -28.75 -11.26
CA LYS C 109 -22.37 -29.29 -10.61
C LYS C 109 -21.38 -28.16 -10.68
N SER C 110 -21.00 -27.72 -11.88
CA SER C 110 -20.08 -26.59 -11.96
C SER C 110 -20.33 -25.48 -10.91
N TYR C 111 -21.47 -24.79 -11.05
CA TYR C 111 -21.86 -23.65 -10.21
C TYR C 111 -21.76 -23.93 -8.71
N LEU C 112 -22.17 -25.12 -8.29
CA LEU C 112 -22.06 -25.53 -6.89
C LEU C 112 -20.61 -25.74 -6.48
N PHE C 113 -19.83 -26.33 -7.40
CA PHE C 113 -18.40 -26.50 -7.20
C PHE C 113 -17.79 -25.12 -6.98
N GLN C 114 -17.96 -24.21 -7.95
CA GLN C 114 -17.35 -22.88 -7.86
C GLN C 114 -17.82 -22.15 -6.63
N LEU C 115 -19.09 -22.34 -6.27
CA LEU C 115 -19.59 -21.65 -5.08
C LEU C 115 -18.97 -22.23 -3.83
N LEU C 116 -18.74 -23.54 -3.82
CA LEU C 116 -18.03 -24.11 -2.69
C LEU C 116 -16.61 -23.58 -2.63
N GLN C 117 -16.07 -23.25 -3.80
CA GLN C 117 -14.69 -22.74 -3.82
C GLN C 117 -14.75 -21.38 -3.19
N GLY C 118 -15.56 -20.51 -3.81
CA GLY C 118 -15.86 -19.21 -3.25
C GLY C 118 -16.18 -19.26 -1.77
N LEU C 119 -16.93 -20.27 -1.32
CA LEU C 119 -17.30 -20.29 0.10
C LEU C 119 -16.20 -20.79 1.03
N ALA C 120 -15.45 -21.82 0.59
CA ALA C 120 -14.28 -22.29 1.36
C ALA C 120 -13.32 -21.15 1.63
N PHE C 121 -13.09 -20.33 0.60
CA PHE C 121 -12.24 -19.14 0.73
C PHE C 121 -12.73 -18.21 1.81
N CYS C 122 -14.00 -17.84 1.78
CA CYS C 122 -14.57 -17.02 2.87
C CYS C 122 -14.31 -17.64 4.24
N HIS C 123 -14.71 -18.90 4.42
CA HIS C 123 -14.54 -19.61 5.69
C HIS C 123 -13.06 -19.68 6.15
N SER C 124 -12.18 -20.03 5.20
CA SER C 124 -10.72 -20.04 5.40
C SER C 124 -10.25 -18.72 5.95
N HIS C 125 -10.89 -17.63 5.53
CA HIS C 125 -10.48 -16.32 6.02
C HIS C 125 -11.47 -15.73 6.99
N ARG C 126 -12.01 -16.59 7.86
CA ARG C 126 -12.85 -16.20 9.01
C ARG C 126 -13.99 -15.22 8.69
N VAL C 127 -14.54 -15.34 7.48
CA VAL C 127 -15.63 -14.50 7.05
C VAL C 127 -16.88 -15.34 6.83
N LEU C 128 -17.93 -14.98 7.57
CA LEU C 128 -19.29 -15.50 7.35
C LEU C 128 -20.05 -14.65 6.34
N HIS C 129 -20.63 -15.28 5.33
CA HIS C 129 -21.48 -14.57 4.37
C HIS C 129 -22.75 -14.15 5.06
N ARG C 130 -23.49 -15.19 5.50
CA ARG C 130 -24.73 -15.09 6.25
C ARG C 130 -25.87 -14.62 5.38
N ASP C 131 -25.80 -14.82 4.06
CA ASP C 131 -26.90 -14.36 3.18
C ASP C 131 -26.82 -14.87 1.75
N LEU C 132 -26.32 -16.10 1.59
CA LEU C 132 -26.30 -16.72 0.27
C LEU C 132 -27.71 -17.00 -0.17
N LYS C 133 -27.99 -16.70 -1.41
CA LYS C 133 -29.30 -16.90 -2.00
C LYS C 133 -29.13 -16.50 -3.45
N PRO C 134 -29.90 -17.09 -4.34
CA PRO C 134 -29.63 -16.95 -5.77
C PRO C 134 -29.59 -15.51 -6.24
N GLN C 135 -30.15 -14.60 -5.47
CA GLN C 135 -30.19 -13.21 -5.89
C GLN C 135 -28.78 -12.65 -5.79
N ASN C 136 -28.05 -13.21 -4.83
CA ASN C 136 -26.75 -12.76 -4.44
C ASN C 136 -25.60 -13.49 -5.11
N LEU C 137 -25.89 -14.18 -6.19
CA LEU C 137 -24.91 -14.97 -6.88
C LEU C 137 -25.02 -14.62 -8.34
N LEU C 138 -23.90 -14.16 -8.91
CA LEU C 138 -23.86 -13.56 -10.23
C LEU C 138 -23.01 -14.40 -11.13
N ILE C 139 -23.30 -14.31 -12.42
CA ILE C 139 -22.73 -15.15 -13.44
C ILE C 139 -22.38 -14.33 -14.69
N ASN C 140 -21.46 -14.87 -15.50
CA ASN C 140 -21.09 -14.25 -16.77
C ASN C 140 -21.38 -15.12 -17.97
N THR C 141 -21.23 -14.51 -19.13
CA THR C 141 -21.28 -15.25 -20.37
C THR C 141 -19.99 -16.05 -20.51
N GLU C 142 -19.69 -16.88 -19.51
CA GLU C 142 -18.50 -17.76 -19.56
C GLU C 142 -18.50 -19.01 -18.67
N GLY C 143 -19.29 -19.03 -17.59
CA GLY C 143 -19.36 -20.20 -16.74
C GLY C 143 -18.96 -19.97 -15.30
N ALA C 144 -18.34 -18.81 -15.07
CA ALA C 144 -18.09 -18.29 -13.73
C ALA C 144 -19.38 -17.97 -12.97
N ILE C 145 -19.37 -18.20 -11.66
CA ILE C 145 -20.40 -17.69 -10.77
C ILE C 145 -19.71 -17.16 -9.52
N LYS C 146 -20.18 -16.02 -9.01
CA LYS C 146 -19.51 -15.43 -7.86
C LYS C 146 -20.44 -15.10 -6.71
N LEU C 147 -19.94 -15.34 -5.50
CA LEU C 147 -20.58 -14.88 -4.27
C LEU C 147 -20.67 -13.34 -4.29
N ALA C 148 -21.86 -12.80 -4.04
CA ALA C 148 -21.98 -11.33 -3.97
C ALA C 148 -22.90 -10.88 -2.86
N ASP C 149 -22.95 -9.56 -2.70
CA ASP C 149 -23.55 -8.86 -1.57
C ASP C 149 -23.04 -9.34 -0.23
N PHE C 150 -22.03 -8.64 0.28
CA PHE C 150 -21.41 -9.00 1.54
C PHE C 150 -21.88 -8.06 2.67
N GLY C 151 -22.96 -7.35 2.38
CA GLY C 151 -23.65 -6.53 3.40
C GLY C 151 -23.96 -7.23 4.73
N LEU C 152 -24.33 -8.50 4.66
CA LEU C 152 -24.70 -9.25 5.86
C LEU C 152 -23.58 -10.17 6.32
N ALA C 153 -22.35 -9.88 5.90
CA ALA C 153 -21.19 -10.74 6.20
C ALA C 153 -20.49 -10.39 7.51
N ARG C 154 -19.64 -11.27 8.02
CA ARG C 154 -18.97 -10.94 9.29
C ARG C 154 -17.67 -11.69 9.63
N ALA C 155 -16.78 -11.00 10.31
CA ALA C 155 -15.54 -11.61 10.74
C ALA C 155 -15.82 -12.39 11.99
N PHE C 156 -15.72 -13.72 11.94
CA PHE C 156 -15.84 -14.48 13.19
C PHE C 156 -14.51 -14.74 13.92
N GLY C 157 -14.62 -15.30 15.12
CA GLY C 157 -13.44 -15.61 15.92
C GLY C 157 -13.36 -17.11 16.23
N VAL C 158 -12.28 -17.51 16.87
CA VAL C 158 -12.11 -18.91 17.25
C VAL C 158 -11.88 -19.05 18.76
N PRO C 159 -12.85 -19.72 19.38
CA PRO C 159 -14.05 -20.17 18.66
C PRO C 159 -15.01 -18.99 18.44
N VAL C 160 -16.13 -19.25 17.78
CA VAL C 160 -17.11 -18.20 17.62
C VAL C 160 -17.46 -17.62 19.00
N ARG C 161 -17.76 -16.32 19.06
CA ARG C 161 -18.61 -15.86 20.15
C ARG C 161 -20.02 -15.60 19.60
N THR C 162 -20.89 -15.12 20.46
CA THR C 162 -22.29 -14.94 20.12
C THR C 162 -22.41 -13.82 19.10
N TYR C 163 -22.96 -14.13 17.93
CA TYR C 163 -23.03 -13.11 16.89
C TYR C 163 -24.45 -12.53 16.76
N TPO C 164 -24.84 -12.12 15.55
CA TPO C 164 -26.16 -11.59 15.30
CB TPO C 164 -26.18 -10.55 14.17
CG2 TPO C 164 -27.56 -10.01 13.83
OG1 TPO C 164 -25.40 -9.45 14.62
P TPO C 164 -24.16 -9.04 13.73
O1P TPO C 164 -23.58 -7.72 14.39
O2P TPO C 164 -23.12 -10.24 13.80
O3P TPO C 164 -24.74 -8.87 12.23
C TPO C 164 -27.16 -12.64 14.98
O TPO C 164 -27.21 -13.13 13.88
N HIS C 165 -27.96 -12.96 15.98
CA HIS C 165 -29.24 -13.65 15.81
C HIS C 165 -29.94 -13.39 14.46
N GLU C 166 -30.24 -12.14 14.14
CA GLU C 166 -30.92 -11.91 12.86
C GLU C 166 -29.95 -11.94 11.71
N VAL C 167 -29.99 -13.03 10.96
CA VAL C 167 -28.97 -13.34 9.97
C VAL C 167 -29.54 -14.33 8.94
N VAL C 168 -29.21 -14.16 7.67
CA VAL C 168 -29.63 -15.11 6.62
C VAL C 168 -31.12 -15.00 6.36
N THR C 169 -31.47 -14.80 5.09
CA THR C 169 -32.84 -14.76 4.57
C THR C 169 -33.60 -16.00 4.94
N LEU C 170 -34.79 -15.86 5.52
CA LEU C 170 -35.69 -16.99 5.86
C LEU C 170 -35.50 -18.34 5.10
N TRP C 171 -35.96 -18.40 3.85
CA TRP C 171 -36.02 -19.65 3.09
C TRP C 171 -34.72 -20.48 3.10
N TYR C 172 -33.59 -19.80 3.28
CA TYR C 172 -32.30 -20.46 3.18
C TYR C 172 -31.58 -20.57 4.56
N ARG C 173 -32.37 -20.40 5.63
CA ARG C 173 -31.86 -20.34 7.00
C ARG C 173 -31.70 -21.70 7.69
N ALA C 174 -30.70 -21.76 8.58
CA ALA C 174 -30.28 -22.94 9.32
C ALA C 174 -31.02 -23.16 10.65
N PRO C 175 -31.23 -24.44 11.00
CA PRO C 175 -31.97 -24.80 12.22
C PRO C 175 -31.35 -24.12 13.41
N GLU C 176 -30.05 -24.33 13.63
CA GLU C 176 -29.40 -23.71 14.79
C GLU C 176 -29.69 -22.20 14.95
N ILE C 177 -30.04 -21.53 13.86
CA ILE C 177 -30.39 -20.10 13.94
C ILE C 177 -31.86 -19.98 14.39
N LEU C 178 -32.78 -20.67 13.69
CA LEU C 178 -34.21 -20.57 13.99
C LEU C 178 -34.51 -21.08 15.40
N LEU C 179 -33.61 -21.90 15.92
CA LEU C 179 -33.81 -22.52 17.22
C LEU C 179 -33.18 -21.70 18.35
N GLY C 180 -32.60 -20.56 18.00
CA GLY C 180 -32.09 -19.60 18.96
C GLY C 180 -30.70 -19.86 19.54
N CYS C 181 -29.93 -20.75 18.92
CA CYS C 181 -28.60 -21.06 19.44
C CYS C 181 -27.70 -19.82 19.59
N LYS C 182 -27.20 -19.63 20.80
CA LYS C 182 -26.42 -18.44 21.12
C LYS C 182 -25.03 -18.52 20.48
N TYR C 183 -24.87 -19.54 19.63
CA TYR C 183 -23.71 -19.72 18.77
C TYR C 183 -24.16 -20.31 17.41
N TYR C 184 -23.71 -19.70 16.31
CA TYR C 184 -23.78 -20.33 14.97
C TYR C 184 -22.41 -20.29 14.31
N SER C 185 -22.36 -20.65 13.03
CA SER C 185 -21.08 -20.68 12.36
C SER C 185 -21.14 -20.90 10.87
N THR C 186 -19.98 -21.30 10.34
CA THR C 186 -19.78 -21.50 8.91
C THR C 186 -20.84 -22.40 8.34
N ALA C 187 -21.47 -23.15 9.25
CA ALA C 187 -22.40 -24.20 8.91
C ALA C 187 -23.57 -23.67 8.11
N VAL C 188 -24.12 -22.54 8.58
CA VAL C 188 -25.28 -21.89 7.99
C VAL C 188 -25.11 -21.56 6.52
N ASP C 189 -23.90 -21.11 6.14
CA ASP C 189 -23.56 -20.80 4.74
C ASP C 189 -23.64 -22.05 3.89
N ILE C 190 -23.19 -23.15 4.50
CA ILE C 190 -23.24 -24.47 3.89
C ILE C 190 -24.72 -24.76 3.66
N TRP C 191 -25.49 -24.71 4.75
CA TRP C 191 -26.94 -24.90 4.68
C TRP C 191 -27.56 -24.20 3.47
N SER C 192 -27.42 -22.87 3.44
CA SER C 192 -28.00 -22.06 2.37
C SER C 192 -27.58 -22.59 1.02
N LEU C 193 -26.29 -22.92 0.90
CA LEU C 193 -25.75 -23.52 -0.35
C LEU C 193 -26.38 -24.88 -0.65
N GLY C 194 -26.54 -25.69 0.38
CA GLY C 194 -27.31 -26.91 0.26
C GLY C 194 -28.69 -26.57 -0.25
N CYS C 195 -29.38 -25.68 0.49
CA CYS C 195 -30.73 -25.25 0.12
C CYS C 195 -30.70 -24.80 -1.33
N ILE C 196 -29.62 -24.11 -1.69
CA ILE C 196 -29.48 -23.55 -3.04
C ILE C 196 -29.28 -24.59 -4.13
N PHE C 197 -28.64 -25.71 -3.78
CA PHE C 197 -28.35 -26.76 -4.74
C PHE C 197 -29.65 -27.47 -5.15
N ALA C 198 -30.43 -27.90 -4.14
CA ALA C 198 -31.78 -28.44 -4.41
C ALA C 198 -32.48 -27.55 -5.44
N GLU C 199 -32.63 -26.26 -5.09
CA GLU C 199 -33.31 -25.28 -5.91
C GLU C 199 -32.91 -25.32 -7.37
N MET C 200 -31.65 -25.62 -7.64
CA MET C 200 -31.13 -25.64 -9.00
C MET C 200 -31.66 -26.83 -9.81
N VAL C 201 -31.67 -28.03 -9.23
CA VAL C 201 -32.29 -29.16 -9.93
C VAL C 201 -33.81 -29.11 -9.92
N THR C 202 -34.37 -28.89 -8.72
CA THR C 202 -35.82 -29.05 -8.47
C THR C 202 -36.69 -27.88 -8.87
N ARG C 203 -36.09 -26.84 -9.46
CA ARG C 203 -36.74 -25.56 -9.81
C ARG C 203 -37.53 -24.80 -8.71
N ARG C 204 -37.43 -25.22 -7.45
CA ARG C 204 -38.19 -24.60 -6.36
C ARG C 204 -37.44 -24.65 -5.04
N ALA C 205 -37.69 -23.70 -4.17
CA ALA C 205 -36.99 -23.68 -2.88
C ALA C 205 -37.28 -24.92 -2.02
N LEU C 206 -36.33 -25.25 -1.16
CA LEU C 206 -36.36 -26.51 -0.44
C LEU C 206 -37.17 -26.37 0.82
N PHE C 207 -37.17 -25.16 1.38
CA PHE C 207 -37.94 -24.82 2.56
C PHE C 207 -38.48 -23.39 2.41
N PRO C 208 -39.38 -23.19 1.44
CA PRO C 208 -39.95 -21.85 1.19
C PRO C 208 -40.97 -21.42 2.27
N GLY C 209 -40.48 -21.23 3.49
CA GLY C 209 -41.30 -20.86 4.64
C GLY C 209 -41.82 -19.42 4.68
N ASP C 210 -43.03 -19.27 5.22
CA ASP C 210 -43.66 -17.95 5.33
C ASP C 210 -43.77 -17.55 6.80
N SER C 211 -43.03 -18.25 7.66
CA SER C 211 -42.78 -17.78 9.01
C SER C 211 -41.67 -18.58 9.67
N GLU C 212 -40.93 -17.93 10.56
CA GLU C 212 -39.93 -18.57 11.39
C GLU C 212 -40.36 -19.95 11.88
N ILE C 213 -41.51 -20.06 12.57
CA ILE C 213 -42.03 -21.38 12.97
C ILE C 213 -42.36 -22.24 11.76
N ASP C 214 -43.07 -21.68 10.79
CA ASP C 214 -43.37 -22.44 9.58
C ASP C 214 -42.08 -22.92 8.93
N GLN C 215 -41.03 -22.10 9.01
CA GLN C 215 -39.74 -22.44 8.42
C GLN C 215 -39.18 -23.73 9.01
N LEU C 216 -38.88 -23.72 10.32
CA LEU C 216 -38.38 -24.91 11.00
C LEU C 216 -39.25 -26.08 10.56
N PHE C 217 -40.56 -25.93 10.73
CA PHE C 217 -41.51 -27.00 10.51
C PHE C 217 -41.25 -27.70 9.19
N ARG C 218 -41.16 -26.92 8.10
CA ARG C 218 -40.75 -27.48 6.78
C ARG C 218 -39.42 -28.28 6.85
N ILE C 219 -38.45 -27.74 7.59
CA ILE C 219 -37.15 -28.37 7.86
C ILE C 219 -37.43 -29.70 8.51
N PHE C 220 -38.20 -29.61 9.60
CA PHE C 220 -38.63 -30.74 10.38
C PHE C 220 -39.43 -31.70 9.56
N ARG C 221 -40.19 -31.19 8.60
CA ARG C 221 -41.03 -32.06 7.81
C ARG C 221 -40.26 -32.86 6.79
N THR C 222 -39.23 -32.27 6.19
CA THR C 222 -38.45 -32.96 5.15
C THR C 222 -37.29 -33.77 5.71
N LEU C 223 -36.68 -33.21 6.75
CA LEU C 223 -35.50 -33.75 7.42
C LEU C 223 -35.82 -34.48 8.73
N GLY C 224 -37.09 -34.43 9.15
CA GLY C 224 -37.56 -35.16 10.33
C GLY C 224 -37.14 -34.49 11.62
N THR C 225 -38.09 -34.31 12.54
CA THR C 225 -37.79 -33.67 13.83
C THR C 225 -36.51 -34.19 14.52
N PRO C 226 -35.59 -33.28 14.81
CA PRO C 226 -34.29 -33.66 15.37
C PRO C 226 -34.46 -34.20 16.79
N ASP C 227 -33.73 -35.30 17.08
CA ASP C 227 -33.57 -35.88 18.42
C ASP C 227 -32.09 -35.84 18.84
N GLU C 228 -31.83 -36.09 20.11
CA GLU C 228 -30.46 -36.10 20.60
C GLU C 228 -29.61 -37.09 19.81
N VAL C 229 -30.20 -38.24 19.45
CA VAL C 229 -29.54 -39.27 18.66
C VAL C 229 -29.29 -38.81 17.20
N VAL C 230 -29.71 -37.59 16.87
CA VAL C 230 -29.32 -36.98 15.59
C VAL C 230 -28.34 -35.82 15.82
N TRP C 231 -28.57 -35.10 16.91
CA TRP C 231 -27.90 -33.84 17.18
C TRP C 231 -27.95 -33.57 18.70
N PRO C 232 -26.88 -33.94 19.42
CA PRO C 232 -26.78 -33.68 20.88
C PRO C 232 -26.82 -32.18 21.25
N GLY C 233 -27.85 -31.79 22.00
CA GLY C 233 -28.09 -30.39 22.29
C GLY C 233 -29.52 -29.91 22.05
N VAL C 234 -30.12 -30.28 20.91
CA VAL C 234 -31.42 -29.74 20.44
C VAL C 234 -32.42 -29.34 21.51
N THR C 235 -32.66 -30.28 22.40
CA THR C 235 -33.69 -30.17 23.43
C THR C 235 -33.48 -28.98 24.38
N SER C 236 -32.21 -28.71 24.75
CA SER C 236 -31.86 -27.65 25.70
C SER C 236 -31.44 -26.34 25.01
N MET C 237 -32.22 -25.97 23.99
CA MET C 237 -32.02 -24.72 23.24
C MET C 237 -33.18 -23.74 23.51
N PRO C 238 -32.88 -22.44 23.53
CA PRO C 238 -33.82 -21.42 24.06
C PRO C 238 -34.98 -21.04 23.12
N ASP C 239 -35.09 -21.70 21.96
CA ASP C 239 -36.30 -21.59 21.15
C ASP C 239 -36.84 -22.97 20.75
N TYR C 240 -36.21 -24.05 21.26
CA TYR C 240 -36.77 -25.40 21.19
C TYR C 240 -38.07 -25.51 22.02
N LYS C 241 -38.98 -26.38 21.55
CA LYS C 241 -40.26 -26.67 22.22
C LYS C 241 -40.52 -28.18 22.23
N PRO C 242 -40.81 -28.74 23.40
CA PRO C 242 -40.98 -30.20 23.52
C PRO C 242 -42.31 -30.64 22.87
N SER C 243 -43.17 -29.67 22.59
CA SER C 243 -44.41 -29.87 21.85
C SER C 243 -44.18 -30.08 20.35
N PHE C 244 -42.95 -29.78 19.91
CA PHE C 244 -42.51 -29.93 18.52
C PHE C 244 -42.95 -31.28 18.00
N PRO C 245 -43.86 -31.27 17.04
CA PRO C 245 -44.30 -32.51 16.42
C PRO C 245 -43.07 -33.32 16.04
N LYS C 246 -43.14 -34.64 16.22
CA LYS C 246 -42.08 -35.55 15.80
C LYS C 246 -42.47 -36.19 14.48
N TRP C 247 -42.22 -35.47 13.39
CA TRP C 247 -42.38 -35.98 12.04
C TRP C 247 -41.21 -36.91 11.73
N ALA C 248 -41.41 -37.81 10.77
CA ALA C 248 -40.39 -38.77 10.36
C ALA C 248 -39.74 -38.36 9.05
N ARG C 249 -38.49 -38.80 8.88
CA ARG C 249 -37.64 -38.43 7.74
C ARG C 249 -38.09 -39.01 6.38
N GLN C 250 -38.56 -38.11 5.49
CA GLN C 250 -38.78 -38.42 4.08
C GLN C 250 -37.48 -39.03 3.55
N ASP C 251 -37.61 -40.08 2.74
CA ASP C 251 -36.43 -40.67 2.11
C ASP C 251 -35.77 -39.64 1.18
N PHE C 252 -34.59 -39.97 0.67
CA PHE C 252 -33.88 -38.98 -0.11
C PHE C 252 -34.10 -38.92 -1.62
N SER C 253 -34.38 -40.08 -2.22
CA SER C 253 -34.72 -40.18 -3.64
C SER C 253 -35.78 -39.18 -4.05
N LYS C 254 -36.79 -39.05 -3.20
CA LYS C 254 -37.97 -38.27 -3.53
C LYS C 254 -37.75 -36.77 -3.30
N VAL C 255 -36.90 -36.43 -2.33
CA VAL C 255 -36.59 -35.03 -1.99
C VAL C 255 -35.99 -34.34 -3.21
N VAL C 256 -34.93 -34.94 -3.72
CA VAL C 256 -34.26 -34.45 -4.91
C VAL C 256 -34.29 -35.59 -5.93
N PRO C 257 -35.39 -35.69 -6.68
CA PRO C 257 -35.58 -36.79 -7.61
C PRO C 257 -34.53 -36.85 -8.74
N PRO C 258 -34.45 -35.89 -9.67
CA PRO C 258 -33.65 -36.05 -10.90
C PRO C 258 -32.12 -36.13 -10.71
N LEU C 259 -31.71 -36.17 -9.45
CA LEU C 259 -30.32 -36.37 -9.07
C LEU C 259 -30.00 -37.84 -9.13
N ASP C 260 -28.74 -38.14 -9.40
CA ASP C 260 -28.25 -39.51 -9.33
C ASP C 260 -27.73 -39.80 -7.91
N GLU C 261 -27.11 -40.94 -7.73
CA GLU C 261 -26.48 -41.30 -6.45
C GLU C 261 -25.52 -40.18 -6.05
N ASP C 262 -25.16 -39.37 -7.06
CA ASP C 262 -24.49 -38.08 -6.93
C ASP C 262 -25.10 -37.20 -5.85
N GLY C 263 -26.26 -36.63 -6.15
CA GLY C 263 -26.99 -35.80 -5.21
C GLY C 263 -27.27 -36.47 -3.87
N ARG C 264 -28.21 -37.42 -3.86
CA ARG C 264 -28.63 -38.06 -2.61
C ARG C 264 -27.45 -38.65 -1.85
N SER C 265 -26.48 -37.79 -1.56
CA SER C 265 -25.23 -38.15 -0.90
C SER C 265 -24.49 -36.88 -0.50
N LEU C 266 -24.28 -35.98 -1.47
CA LEU C 266 -23.69 -34.66 -1.22
C LEU C 266 -24.64 -33.78 -0.40
N LEU C 267 -25.88 -33.67 -0.88
CA LEU C 267 -26.88 -32.84 -0.21
C LEU C 267 -27.00 -33.19 1.26
N SER C 268 -27.50 -34.40 1.52
CA SER C 268 -27.61 -34.97 2.87
C SER C 268 -26.56 -34.43 3.83
N GLN C 269 -25.36 -34.22 3.31
CA GLN C 269 -24.23 -33.77 4.10
C GLN C 269 -24.37 -32.28 4.41
N MET C 270 -24.79 -31.53 3.40
CA MET C 270 -24.98 -30.09 3.56
C MET C 270 -26.18 -29.84 4.48
N LEU C 271 -27.09 -30.82 4.57
CA LEU C 271 -28.31 -30.71 5.37
C LEU C 271 -28.24 -31.29 6.80
N HIS C 272 -27.19 -32.05 7.10
CA HIS C 272 -26.96 -32.65 8.43
C HIS C 272 -27.21 -31.69 9.63
N TYR C 273 -28.16 -32.04 10.51
CA TYR C 273 -28.64 -31.13 11.57
C TYR C 273 -27.50 -30.61 12.42
N ASP C 274 -26.74 -31.53 13.01
CA ASP C 274 -25.67 -31.19 13.92
C ASP C 274 -24.65 -30.30 13.21
N PRO C 275 -24.52 -29.06 13.68
CA PRO C 275 -23.57 -28.10 13.10
C PRO C 275 -22.18 -28.68 12.94
N ASN C 276 -21.68 -29.31 13.99
CA ASN C 276 -20.32 -29.83 14.02
C ASN C 276 -20.10 -30.92 12.99
N LYS C 277 -21.15 -31.70 12.75
CA LYS C 277 -21.05 -32.81 11.80
C LYS C 277 -21.50 -32.40 10.40
N ARG C 278 -22.27 -31.32 10.29
CA ARG C 278 -22.61 -30.75 8.98
C ARG C 278 -21.34 -30.57 8.13
N ILE C 279 -21.42 -30.84 6.83
CA ILE C 279 -20.21 -30.81 6.02
C ILE C 279 -19.57 -29.43 5.90
N SER C 280 -18.24 -29.40 6.07
CA SER C 280 -17.44 -28.22 5.73
C SER C 280 -17.24 -28.10 4.20
N ALA C 281 -17.27 -26.87 3.71
CA ALA C 281 -17.11 -26.53 2.28
C ALA C 281 -15.91 -27.17 1.57
N LYS C 282 -14.76 -27.18 2.25
CA LYS C 282 -13.57 -27.90 1.79
C LYS C 282 -14.00 -29.31 1.51
N ALA C 283 -14.38 -30.00 2.59
CA ALA C 283 -14.82 -31.40 2.54
C ALA C 283 -15.88 -31.61 1.48
N ALA C 284 -16.69 -30.60 1.23
CA ALA C 284 -17.68 -30.72 0.17
C ALA C 284 -17.04 -30.79 -1.22
N LEU C 285 -15.90 -30.13 -1.41
CA LEU C 285 -15.17 -30.16 -2.70
C LEU C 285 -14.58 -31.54 -3.04
N ALA C 286 -14.08 -32.24 -2.03
CA ALA C 286 -13.57 -33.60 -2.16
C ALA C 286 -14.70 -34.62 -2.35
N HIS C 287 -15.68 -34.32 -3.20
CA HIS C 287 -16.85 -35.20 -3.25
C HIS C 287 -17.00 -35.95 -4.56
N PRO C 288 -17.33 -37.24 -4.45
CA PRO C 288 -17.59 -38.09 -5.62
C PRO C 288 -18.40 -37.35 -6.66
N PHE C 289 -19.40 -36.61 -6.16
CA PHE C 289 -20.27 -35.79 -6.99
C PHE C 289 -19.46 -35.01 -8.01
N PHE C 290 -18.28 -34.55 -7.61
CA PHE C 290 -17.53 -33.60 -8.41
C PHE C 290 -16.52 -34.19 -9.40
N GLN C 291 -16.40 -35.52 -9.48
CA GLN C 291 -15.26 -36.07 -10.21
C GLN C 291 -15.25 -35.69 -11.68
N ASP C 292 -16.38 -35.87 -12.35
CA ASP C 292 -16.49 -35.57 -13.79
C ASP C 292 -16.78 -34.11 -14.11
N VAL C 293 -16.55 -33.21 -13.15
CA VAL C 293 -16.90 -31.79 -13.27
C VAL C 293 -16.48 -31.14 -14.59
N THR C 294 -17.35 -30.28 -15.11
CA THR C 294 -17.05 -29.47 -16.29
C THR C 294 -17.15 -28.02 -15.86
N LYS C 295 -16.68 -27.11 -16.70
CA LYS C 295 -16.93 -25.69 -16.53
C LYS C 295 -17.56 -25.14 -17.82
N PRO C 296 -18.84 -25.41 -18.05
CA PRO C 296 -19.52 -24.98 -19.28
C PRO C 296 -20.16 -23.59 -19.24
N VAL C 297 -20.53 -23.08 -20.41
CA VAL C 297 -21.21 -21.80 -20.61
C VAL C 297 -22.71 -22.00 -20.83
N PRO C 298 -23.54 -21.23 -20.12
CA PRO C 298 -24.99 -21.31 -20.25
C PRO C 298 -25.51 -20.91 -21.65
N HIS C 299 -26.83 -20.96 -21.84
CA HIS C 299 -27.48 -20.33 -22.99
C HIS C 299 -27.77 -18.86 -22.67
N LEU C 300 -27.88 -18.05 -23.71
CA LEU C 300 -28.17 -16.63 -23.55
C LEU C 300 -29.47 -16.22 -24.25
N VAL D 3 -15.91 -25.82 13.92
CA VAL D 3 -15.32 -27.19 13.99
C VAL D 3 -13.96 -27.28 13.23
N PRO D 4 -12.91 -27.76 13.94
CA PRO D 4 -11.52 -27.75 13.47
C PRO D 4 -11.09 -27.71 12.00
N ASP D 5 -11.96 -28.00 11.01
CA ASP D 5 -11.49 -28.00 9.60
C ASP D 5 -10.74 -26.72 9.16
N TYR D 6 -11.30 -25.55 9.47
CA TYR D 6 -10.70 -24.26 9.09
C TYR D 6 -9.90 -23.62 10.21
N HIS D 7 -9.73 -24.32 11.33
CA HIS D 7 -9.09 -23.65 12.46
C HIS D 7 -7.64 -23.30 12.18
N GLU D 8 -6.83 -24.30 11.79
CA GLU D 8 -5.43 -24.06 11.39
C GLU D 8 -5.36 -23.07 10.23
N ASP D 9 -6.25 -23.26 9.24
CA ASP D 9 -6.44 -22.38 8.10
C ASP D 9 -6.66 -20.93 8.56
N ILE D 10 -7.58 -20.71 9.49
CA ILE D 10 -7.84 -19.37 10.01
C ILE D 10 -6.67 -18.87 10.86
N HIS D 11 -6.11 -19.72 11.73
CA HIS D 11 -4.93 -19.31 12.50
C HIS D 11 -3.82 -18.76 11.57
N THR D 12 -3.53 -19.48 10.50
CA THR D 12 -2.44 -19.10 9.61
C THR D 12 -2.63 -17.71 8.99
N TYR D 13 -3.76 -17.51 8.33
CA TYR D 13 -4.16 -16.18 7.82
C TYR D 13 -3.99 -15.10 8.86
N LEU D 14 -4.58 -15.30 10.03
CA LEU D 14 -4.40 -14.37 11.14
C LEU D 14 -2.94 -13.93 11.28
N ARG D 15 -2.01 -14.89 11.23
CA ARG D 15 -0.58 -14.57 11.41
C ARG D 15 0.04 -13.86 10.21
N GLU D 16 -0.37 -14.22 9.01
CA GLU D 16 0.02 -13.43 7.85
C GLU D 16 -0.45 -11.99 8.17
N MET D 17 -1.75 -11.83 8.44
CA MET D 17 -2.37 -10.51 8.57
C MET D 17 -1.94 -9.75 9.81
N GLU D 18 -1.57 -10.46 10.88
CA GLU D 18 -1.13 -9.79 12.10
C GLU D 18 0.14 -8.98 11.87
N VAL D 19 0.90 -9.35 10.82
CA VAL D 19 2.10 -8.63 10.44
C VAL D 19 1.76 -7.46 9.55
N LYS D 20 0.69 -7.57 8.79
CA LYS D 20 0.30 -6.50 7.89
C LYS D 20 -0.37 -5.34 8.65
N CYS D 21 -1.13 -5.67 9.70
CA CYS D 21 -1.84 -4.70 10.52
C CYS D 21 -1.01 -4.07 11.61
N LYS D 22 0.19 -4.60 11.83
CA LYS D 22 1.15 -4.03 12.76
C LYS D 22 1.11 -2.50 12.62
N PRO D 23 1.08 -1.77 13.73
CA PRO D 23 1.37 -0.32 13.72
C PRO D 23 2.84 -0.02 13.52
N LYS D 24 3.18 1.23 13.19
CA LYS D 24 4.57 1.64 13.07
C LYS D 24 5.24 1.82 14.44
N VAL D 25 6.22 0.95 14.71
CA VAL D 25 6.80 0.74 16.03
C VAL D 25 7.20 2.02 16.75
N GLY D 26 7.78 2.98 16.04
CA GLY D 26 8.38 4.12 16.69
C GLY D 26 7.58 5.40 16.60
N TYR D 27 6.28 5.26 16.35
CA TYR D 27 5.45 6.40 15.99
C TYR D 27 5.33 7.51 17.02
N MET D 28 5.44 7.21 18.32
CA MET D 28 5.23 8.27 19.31
C MET D 28 6.31 9.34 19.42
N LYS D 29 7.55 8.99 19.08
CA LYS D 29 8.66 9.94 19.10
C LYS D 29 8.50 10.89 17.92
N LYS D 30 7.62 10.51 17.00
CA LYS D 30 7.32 11.31 15.79
C LYS D 30 5.99 12.09 15.87
N GLN D 31 5.43 12.14 17.08
CA GLN D 31 4.27 12.96 17.40
C GLN D 31 4.77 14.11 18.26
N PRO D 32 4.74 15.33 17.73
CA PRO D 32 5.34 16.47 18.39
C PRO D 32 4.63 16.93 19.67
N ASP D 33 3.46 16.36 19.93
CA ASP D 33 2.60 16.89 20.97
C ASP D 33 2.00 15.81 21.86
N ILE D 34 2.10 14.54 21.48
CA ILE D 34 1.55 13.45 22.30
C ILE D 34 2.57 12.34 22.71
N THR D 35 2.38 11.77 23.89
CA THR D 35 3.30 10.78 24.45
C THR D 35 2.60 9.51 24.85
N ASN D 36 3.39 8.49 25.11
CA ASN D 36 2.92 7.25 25.74
C ASN D 36 1.94 7.41 26.89
N SER D 37 2.14 8.39 27.77
CA SER D 37 1.26 8.49 28.94
C SER D 37 -0.14 8.88 28.49
N MET D 38 -0.20 9.88 27.60
CA MET D 38 -1.46 10.33 26.98
C MET D 38 -2.21 9.16 26.37
N ARG D 39 -1.49 8.38 25.58
CA ARG D 39 -2.04 7.20 24.94
C ARG D 39 -2.65 6.29 25.97
N ALA D 40 -1.94 6.13 27.11
CA ALA D 40 -2.34 5.23 28.22
C ALA D 40 -3.61 5.71 28.90
N ILE D 41 -3.57 6.96 29.32
CA ILE D 41 -4.78 7.65 29.78
C ILE D 41 -5.98 7.32 28.88
N LEU D 42 -5.78 7.30 27.56
CA LEU D 42 -6.88 7.13 26.57
C LEU D 42 -7.35 5.70 26.34
N VAL D 43 -6.41 4.77 26.27
CA VAL D 43 -6.79 3.36 26.25
C VAL D 43 -7.43 3.04 27.59
N ASP D 44 -6.88 3.65 28.63
CA ASP D 44 -7.50 3.65 29.96
C ASP D 44 -8.94 4.14 29.87
N TRP D 45 -9.08 5.42 29.55
CA TRP D 45 -10.38 5.97 29.21
C TRP D 45 -11.20 5.03 28.37
N LEU D 46 -10.63 4.46 27.31
CA LEU D 46 -11.39 3.51 26.49
C LEU D 46 -11.75 2.24 27.30
N VAL D 47 -11.02 2.00 28.39
CA VAL D 47 -11.39 0.90 29.29
C VAL D 47 -12.65 1.25 30.05
N GLU D 48 -12.67 2.43 30.68
CA GLU D 48 -13.91 2.88 31.31
C GLU D 48 -15.06 2.63 30.35
N VAL D 49 -14.90 3.02 29.10
CA VAL D 49 -16.02 3.12 28.17
C VAL D 49 -16.57 1.77 27.75
N GLY D 50 -15.70 0.83 27.36
CA GLY D 50 -16.13 -0.49 26.95
C GLY D 50 -17.04 -1.14 28.00
N GLU D 51 -16.70 -0.88 29.27
CA GLU D 51 -17.48 -1.39 30.40
C GLU D 51 -18.83 -0.67 30.46
N GLU D 52 -18.80 0.64 30.66
CA GLU D 52 -20.03 1.43 30.70
C GLU D 52 -21.07 0.96 29.68
N TYR D 53 -20.61 0.63 28.47
CA TYR D 53 -21.51 0.27 27.38
C TYR D 53 -21.59 -1.24 27.16
N LYS D 54 -20.93 -1.96 28.06
CA LYS D 54 -20.94 -3.43 28.11
C LYS D 54 -20.47 -4.01 26.77
N LEU D 55 -19.31 -3.53 26.34
CA LEU D 55 -18.75 -3.91 25.05
C LEU D 55 -17.77 -5.10 25.10
N GLN D 56 -17.78 -5.89 24.04
CA GLN D 56 -16.84 -7.01 23.83
C GLN D 56 -15.42 -6.54 23.96
N ASN D 57 -14.56 -7.33 24.60
CA ASN D 57 -13.13 -6.98 24.67
C ASN D 57 -12.49 -6.87 23.25
N GLU D 58 -13.03 -7.58 22.26
CA GLU D 58 -12.56 -7.46 20.89
C GLU D 58 -12.45 -5.97 20.60
N THR D 59 -13.61 -5.34 20.53
CA THR D 59 -13.78 -3.92 20.29
C THR D 59 -12.66 -3.01 20.82
N LEU D 60 -12.35 -3.17 22.09
CA LEU D 60 -11.36 -2.33 22.76
C LEU D 60 -9.99 -2.56 22.12
N HIS D 61 -9.76 -3.80 21.72
CA HIS D 61 -8.49 -4.23 21.19
C HIS D 61 -8.37 -3.60 19.78
N LEU D 62 -9.34 -3.91 18.90
CA LEU D 62 -9.58 -3.21 17.61
C LEU D 62 -9.47 -1.66 17.66
N ALA D 63 -10.24 -1.04 18.52
CA ALA D 63 -10.19 0.40 18.60
C ALA D 63 -8.75 0.82 18.81
N VAL D 64 -8.02 0.13 19.71
CA VAL D 64 -6.57 0.44 19.89
C VAL D 64 -5.72 0.22 18.62
N ASN D 65 -5.98 -0.87 17.90
CA ASN D 65 -5.41 -1.07 16.58
C ASN D 65 -5.62 0.17 15.68
N TYR D 66 -6.88 0.59 15.56
CA TYR D 66 -7.21 1.78 14.78
C TYR D 66 -6.45 3.00 15.29
N ILE D 67 -6.46 3.23 16.60
CA ILE D 67 -5.71 4.36 17.14
C ILE D 67 -4.28 4.24 16.74
N ASP D 68 -3.73 3.03 16.90
CA ASP D 68 -2.29 2.90 16.61
C ASP D 68 -1.94 3.08 15.16
N ARG D 69 -2.72 2.49 14.28
CA ARG D 69 -2.47 2.66 12.85
C ARG D 69 -2.66 4.09 12.37
N PHE D 70 -3.72 4.74 12.88
CA PHE D 70 -4.00 6.15 12.63
C PHE D 70 -2.87 7.08 13.07
N LEU D 71 -2.35 6.84 14.27
CA LEU D 71 -1.27 7.72 14.77
C LEU D 71 0.14 7.37 14.23
N SER D 72 0.30 6.19 13.65
CA SER D 72 1.51 5.96 12.88
C SER D 72 1.58 7.03 11.79
N SER D 73 0.44 7.36 11.20
CA SER D 73 0.46 8.15 9.98
C SER D 73 0.05 9.59 10.14
N MET D 74 -0.67 9.91 11.22
CA MET D 74 -1.23 11.28 11.38
C MET D 74 -0.76 12.00 12.65
N SER D 75 -0.02 13.07 12.45
CA SER D 75 0.31 13.90 13.58
C SER D 75 -1.04 14.38 14.14
N VAL D 76 -1.29 14.13 15.43
CA VAL D 76 -2.56 14.48 16.09
C VAL D 76 -2.33 15.20 17.40
N LEU D 77 -2.93 16.39 17.52
CA LEU D 77 -2.77 17.25 18.71
C LEU D 77 -3.40 16.66 19.99
N ARG D 78 -2.88 17.06 21.14
CA ARG D 78 -3.34 16.48 22.40
C ARG D 78 -4.84 16.79 22.65
N GLY D 79 -5.27 18.02 22.35
CA GLY D 79 -6.69 18.31 22.39
C GLY D 79 -7.55 17.36 21.56
N LYS D 80 -6.96 16.71 20.56
CA LYS D 80 -7.70 15.95 19.55
C LYS D 80 -7.58 14.45 19.68
N LEU D 81 -6.80 14.03 20.66
CA LEU D 81 -6.50 12.61 20.83
C LEU D 81 -7.72 11.78 21.16
N GLN D 82 -8.64 12.34 21.91
CA GLN D 82 -9.79 11.58 22.37
C GLN D 82 -10.80 11.44 21.26
N LEU D 83 -10.89 12.46 20.42
CA LEU D 83 -11.75 12.41 19.28
C LEU D 83 -11.40 11.21 18.36
N VAL D 84 -10.11 11.00 18.11
CA VAL D 84 -9.60 9.82 17.42
C VAL D 84 -10.01 8.59 18.21
N GLY D 85 -9.53 8.54 19.45
CA GLY D 85 -10.01 7.51 20.36
C GLY D 85 -11.48 7.23 20.16
N THR D 86 -12.30 8.27 20.16
CA THR D 86 -13.74 8.06 20.07
C THR D 86 -14.23 7.48 18.74
N ALA D 87 -13.80 8.07 17.63
CA ALA D 87 -14.18 7.50 16.33
C ALA D 87 -13.67 6.07 16.22
N ALA D 88 -12.49 5.79 16.80
CA ALA D 88 -11.92 4.43 16.72
C ALA D 88 -12.82 3.39 17.32
N MET D 89 -13.21 3.65 18.57
CA MET D 89 -14.22 2.84 19.30
C MET D 89 -15.54 2.68 18.56
N LEU D 90 -16.06 3.80 18.06
CA LEU D 90 -17.26 3.80 17.19
C LEU D 90 -17.09 2.86 16.01
N LEU D 91 -16.01 3.04 15.25
CA LEU D 91 -15.70 2.13 14.14
C LEU D 91 -15.55 0.70 14.64
N ALA D 92 -14.75 0.54 15.68
CA ALA D 92 -14.58 -0.78 16.30
C ALA D 92 -15.90 -1.37 16.68
N SER D 93 -16.81 -0.56 17.21
CA SER D 93 -18.16 -1.04 17.59
C SER D 93 -18.96 -1.42 16.36
N LYS D 94 -18.96 -0.54 15.35
CA LYS D 94 -19.75 -0.86 14.15
C LYS D 94 -19.28 -2.14 13.52
N PHE D 95 -17.98 -2.42 13.60
CA PHE D 95 -17.44 -3.63 12.98
C PHE D 95 -17.78 -4.86 13.83
N GLU D 96 -17.52 -4.79 15.14
CA GLU D 96 -17.56 -5.97 16.04
C GLU D 96 -18.92 -6.29 16.75
N GLU D 97 -19.65 -5.26 17.18
CA GLU D 97 -20.87 -5.43 17.99
C GLU D 97 -22.16 -5.82 17.24
N ILE D 98 -23.03 -6.55 17.92
CA ILE D 98 -24.38 -6.81 17.41
C ILE D 98 -25.28 -5.55 17.55
N TYR D 99 -25.08 -4.83 18.63
CA TYR D 99 -25.87 -3.62 18.91
C TYR D 99 -24.94 -2.51 19.43
N PRO D 100 -24.09 -1.93 18.57
CA PRO D 100 -23.15 -0.89 19.04
C PRO D 100 -23.90 0.33 19.53
N PRO D 101 -23.32 1.11 20.44
CA PRO D 101 -23.91 2.41 20.79
C PRO D 101 -24.15 3.27 19.56
N GLU D 102 -25.08 4.22 19.65
CA GLU D 102 -25.35 5.10 18.53
C GLU D 102 -24.45 6.31 18.70
N VAL D 103 -24.24 7.05 17.63
CA VAL D 103 -23.21 8.07 17.65
C VAL D 103 -23.38 9.02 18.83
N ALA D 104 -24.65 9.29 19.18
CA ALA D 104 -24.98 10.17 20.32
C ALA D 104 -24.25 9.74 21.58
N GLU D 105 -24.25 8.44 21.86
CA GLU D 105 -23.67 7.92 23.10
C GLU D 105 -22.18 8.25 23.05
N PHE D 106 -21.52 7.91 21.94
CA PHE D 106 -20.09 8.22 21.84
C PHE D 106 -19.83 9.69 22.03
N VAL D 107 -20.79 10.53 21.62
CA VAL D 107 -20.65 11.97 21.89
C VAL D 107 -20.72 12.24 23.38
N TYR D 108 -21.70 11.62 24.05
CA TYR D 108 -21.91 11.80 25.48
C TYR D 108 -20.65 11.53 26.32
N ILE D 109 -19.94 10.44 26.03
CA ILE D 109 -18.87 9.99 26.92
C ILE D 109 -17.60 10.84 26.89
N THR D 110 -17.51 11.73 25.89
CA THR D 110 -16.47 12.77 25.90
C THR D 110 -16.82 13.96 26.78
N ASP D 111 -17.95 13.87 27.49
CA ASP D 111 -18.63 15.02 28.11
C ASP D 111 -18.58 16.31 27.29
N ASP D 112 -19.30 16.31 26.16
CA ASP D 112 -19.43 17.47 25.28
C ASP D 112 -18.12 18.14 24.83
N THR D 113 -16.97 17.46 25.03
CA THR D 113 -15.65 17.95 24.60
C THR D 113 -15.61 18.22 23.09
N TYR D 114 -16.22 17.29 22.33
CA TYR D 114 -16.38 17.42 20.89
C TYR D 114 -17.85 17.35 20.59
N THR D 115 -18.24 17.67 19.35
CA THR D 115 -19.64 17.68 18.93
C THR D 115 -19.90 16.47 18.05
N LYS D 116 -21.17 16.16 17.86
CA LYS D 116 -21.53 15.05 16.99
C LYS D 116 -20.86 15.15 15.61
N LYS D 117 -20.68 16.36 15.10
CA LYS D 117 -20.16 16.51 13.75
C LYS D 117 -18.66 16.16 13.69
N GLN D 118 -17.90 16.64 14.67
CA GLN D 118 -16.50 16.25 14.79
C GLN D 118 -16.32 14.72 14.84
N VAL D 119 -17.20 14.05 15.57
CA VAL D 119 -17.03 12.63 15.75
C VAL D 119 -17.26 11.92 14.43
N LEU D 120 -18.36 12.26 13.75
CA LEU D 120 -18.67 11.71 12.44
C LEU D 120 -17.62 12.10 11.39
N ARG D 121 -17.12 13.32 11.49
CA ARG D 121 -16.10 13.75 10.55
C ARG D 121 -14.84 12.94 10.76
N MET D 122 -14.29 13.01 11.97
CA MET D 122 -13.22 12.08 12.39
C MET D 122 -13.51 10.61 12.02
N GLU D 123 -14.75 10.14 12.21
CA GLU D 123 -15.00 8.74 11.84
C GLU D 123 -14.60 8.50 10.42
N HIS D 124 -14.98 9.42 9.56
CA HIS D 124 -14.67 9.31 8.14
C HIS D 124 -13.16 9.41 7.84
N LEU D 125 -12.48 10.33 8.52
CA LEU D 125 -11.04 10.53 8.36
C LEU D 125 -10.29 9.27 8.75
N VAL D 126 -10.66 8.69 9.90
CA VAL D 126 -10.07 7.43 10.27
C VAL D 126 -10.24 6.37 9.20
N LEU D 127 -11.41 6.28 8.58
CA LEU D 127 -11.62 5.24 7.54
C LEU D 127 -10.71 5.51 6.37
N LYS D 128 -10.50 6.79 6.05
CA LYS D 128 -9.66 7.14 4.92
C LYS D 128 -8.24 6.73 5.24
N VAL D 129 -7.75 7.14 6.41
CA VAL D 129 -6.38 6.89 6.79
C VAL D 129 -6.09 5.39 6.87
N LEU D 130 -7.02 4.64 7.42
CA LEU D 130 -6.88 3.19 7.46
C LEU D 130 -7.32 2.52 6.19
N THR D 131 -7.70 3.31 5.20
CA THR D 131 -8.34 2.83 3.99
C THR D 131 -9.25 1.65 4.26
N PHE D 132 -10.20 1.78 5.19
CA PHE D 132 -11.23 0.73 5.35
C PHE D 132 -10.64 -0.64 5.71
N ASP D 133 -9.39 -0.69 6.12
CA ASP D 133 -8.88 -2.00 6.54
C ASP D 133 -8.99 -2.21 8.06
N LEU D 134 -10.07 -2.91 8.44
CA LEU D 134 -10.45 -2.95 9.86
C LEU D 134 -10.45 -4.30 10.45
N ALA D 135 -10.54 -5.35 9.63
CA ALA D 135 -10.59 -6.73 10.15
C ALA D 135 -9.21 -7.16 10.67
N ALA D 136 -8.75 -6.49 11.73
CA ALA D 136 -7.38 -6.57 12.24
C ALA D 136 -7.23 -7.55 13.41
N PRO D 137 -6.22 -8.44 13.35
CA PRO D 137 -5.95 -9.40 14.42
C PRO D 137 -5.67 -8.75 15.75
N THR D 138 -6.23 -9.29 16.80
CA THR D 138 -5.87 -8.80 18.14
C THR D 138 -5.36 -9.92 19.03
N VAL D 139 -4.58 -9.52 20.03
CA VAL D 139 -4.35 -10.31 21.24
C VAL D 139 -5.53 -11.25 21.52
N ASN D 140 -6.74 -10.72 21.43
CA ASN D 140 -7.96 -11.43 21.73
C ASN D 140 -8.24 -12.68 20.92
N GLN D 141 -8.05 -12.64 19.61
CA GLN D 141 -8.47 -13.82 18.82
C GLN D 141 -7.43 -14.91 18.93
N PHE D 142 -6.21 -14.53 19.27
CA PHE D 142 -5.14 -15.49 19.48
C PHE D 142 -5.37 -16.17 20.84
N LEU D 143 -5.20 -15.43 21.95
CA LEU D 143 -5.71 -15.86 23.24
C LEU D 143 -6.88 -16.84 23.09
N THR D 144 -8.04 -16.36 22.65
CA THR D 144 -9.23 -17.20 22.57
C THR D 144 -8.90 -18.59 22.07
N GLN D 145 -8.28 -18.64 20.90
CA GLN D 145 -7.88 -19.88 20.24
C GLN D 145 -6.98 -20.71 21.15
N TYR D 146 -5.98 -20.07 21.76
CA TYR D 146 -5.04 -20.73 22.66
C TYR D 146 -5.73 -21.38 23.89
N PHE D 147 -6.83 -20.78 24.33
CA PHE D 147 -7.68 -21.32 25.38
C PHE D 147 -8.30 -22.68 25.04
N LEU D 148 -8.01 -23.19 23.86
CA LEU D 148 -8.41 -24.56 23.48
C LEU D 148 -7.35 -25.61 23.84
N HIS D 149 -6.19 -25.11 24.25
CA HIS D 149 -5.08 -25.96 24.63
C HIS D 149 -5.07 -26.14 26.16
N GLN D 150 -6.07 -25.53 26.80
CA GLN D 150 -6.51 -25.87 28.15
C GLN D 150 -7.31 -27.18 28.12
N GLN D 151 -6.90 -28.12 28.96
CA GLN D 151 -7.66 -29.32 29.27
C GLN D 151 -7.31 -29.67 30.72
N PRO D 152 -8.22 -29.35 31.65
CA PRO D 152 -9.54 -28.81 31.33
C PRO D 152 -9.48 -27.28 31.25
N ALA D 153 -10.61 -26.65 30.93
CA ALA D 153 -10.70 -25.19 30.90
C ALA D 153 -10.78 -24.61 32.32
N ASN D 154 -9.74 -23.85 32.72
CA ASN D 154 -9.71 -23.10 33.99
C ASN D 154 -9.90 -21.58 33.82
N CYS D 155 -11.08 -21.11 34.25
CA CYS D 155 -11.55 -19.77 33.98
C CYS D 155 -10.87 -18.69 34.82
N LYS D 156 -9.91 -19.12 35.62
CA LYS D 156 -9.03 -18.22 36.34
C LYS D 156 -7.85 -17.86 35.44
N VAL D 157 -7.38 -18.84 34.66
CA VAL D 157 -6.29 -18.59 33.73
C VAL D 157 -6.79 -17.75 32.55
N GLU D 158 -7.95 -18.14 31.99
CA GLU D 158 -8.61 -17.40 30.93
C GLU D 158 -8.59 -15.89 31.28
N SER D 159 -9.41 -15.52 32.25
CA SER D 159 -9.56 -14.11 32.64
C SER D 159 -8.25 -13.39 33.02
N LEU D 160 -7.27 -14.15 33.52
CA LEU D 160 -5.99 -13.56 33.91
C LEU D 160 -5.04 -13.48 32.73
N ALA D 161 -5.38 -14.18 31.65
CA ALA D 161 -4.75 -13.93 30.34
C ALA D 161 -5.25 -12.58 29.83
N MET D 162 -6.58 -12.48 29.66
CA MET D 162 -7.23 -11.25 29.22
C MET D 162 -6.76 -10.01 29.98
N PHE D 163 -6.82 -10.09 31.30
CA PHE D 163 -6.42 -8.99 32.16
C PHE D 163 -5.01 -8.59 31.76
N LEU D 164 -4.21 -9.62 31.48
CA LEU D 164 -2.80 -9.46 31.14
C LEU D 164 -2.65 -8.91 29.74
N GLY D 165 -3.45 -9.43 28.80
CA GLY D 165 -3.52 -8.92 27.45
C GLY D 165 -3.81 -7.44 27.52
N GLU D 166 -4.97 -7.12 28.10
CA GLU D 166 -5.34 -5.74 28.37
C GLU D 166 -4.14 -4.91 28.83
N LEU D 167 -3.62 -5.07 30.06
CA LEU D 167 -2.59 -4.14 30.53
C LEU D 167 -1.48 -3.81 29.51
N SER D 168 -1.29 -4.68 28.52
CA SER D 168 -0.36 -4.31 27.44
C SER D 168 -0.90 -3.17 26.56
N LEU D 169 -2.20 -3.22 26.21
CA LEU D 169 -2.85 -2.13 25.45
C LEU D 169 -2.47 -0.76 25.99
N ILE D 170 -2.38 -0.67 27.32
CA ILE D 170 -2.10 0.59 27.98
C ILE D 170 -0.73 1.10 27.65
N ASP D 171 0.20 0.16 27.59
CA ASP D 171 1.61 0.48 27.63
C ASP D 171 2.27 0.29 26.28
N ALA D 172 2.48 1.39 25.55
CA ALA D 172 3.04 1.31 24.21
C ALA D 172 4.45 0.77 24.31
N ASP D 173 5.34 1.61 24.84
CA ASP D 173 6.66 1.18 25.28
C ASP D 173 6.51 0.34 26.55
N PRO D 174 6.78 -0.97 26.47
CA PRO D 174 7.26 -1.63 25.25
C PRO D 174 6.33 -2.63 24.48
N TYR D 175 5.02 -2.68 24.71
CA TYR D 175 4.18 -3.72 24.05
C TYR D 175 3.76 -3.41 22.61
N LEU D 176 4.15 -2.24 22.15
CA LEU D 176 3.92 -1.88 20.79
C LEU D 176 4.99 -2.48 19.88
N LYS D 177 6.01 -3.08 20.50
CA LYS D 177 7.03 -3.81 19.74
C LYS D 177 6.81 -5.33 19.67
N TYR D 178 5.74 -5.84 20.29
CA TYR D 178 5.41 -7.26 20.21
C TYR D 178 4.15 -7.44 19.41
N LEU D 179 4.18 -8.39 18.48
CA LEU D 179 2.98 -8.80 17.79
C LEU D 179 2.01 -9.31 18.82
N PRO D 180 0.73 -9.25 18.49
CA PRO D 180 -0.35 -9.79 19.32
C PRO D 180 -0.19 -11.24 19.69
N SER D 181 0.44 -12.02 18.82
CA SER D 181 0.56 -13.49 18.99
C SER D 181 1.47 -13.86 20.15
N VAL D 182 2.47 -13.01 20.32
CA VAL D 182 3.53 -13.13 21.29
C VAL D 182 3.09 -12.35 22.52
N ILE D 183 2.12 -11.45 22.32
CA ILE D 183 1.44 -10.85 23.46
C ILE D 183 0.55 -11.89 24.10
N ALA D 184 -0.20 -12.62 23.26
CA ALA D 184 -1.16 -13.59 23.77
C ALA D 184 -0.43 -14.75 24.43
N GLY D 185 0.26 -15.54 23.63
CA GLY D 185 1.11 -16.63 24.11
C GLY D 185 1.73 -16.37 25.47
N ALA D 186 2.50 -15.28 25.58
CA ALA D 186 3.02 -14.87 26.86
C ALA D 186 1.89 -14.77 27.89
N ALA D 187 1.07 -13.72 27.81
CA ALA D 187 -0.07 -13.58 28.71
C ALA D 187 -0.63 -14.95 29.13
N PHE D 188 -0.93 -15.81 28.14
CA PHE D 188 -1.55 -17.10 28.42
C PHE D 188 -0.69 -17.98 29.33
N HIS D 189 0.59 -18.10 28.99
CA HIS D 189 1.52 -18.85 29.83
C HIS D 189 1.69 -18.21 31.22
N LEU D 190 2.13 -16.93 31.27
CA LEU D 190 2.24 -16.19 32.54
C LEU D 190 0.96 -16.27 33.37
N ALA D 191 -0.16 -16.61 32.72
CA ALA D 191 -1.38 -16.90 33.46
C ALA D 191 -1.29 -18.29 34.07
N LEU D 192 -1.12 -19.30 33.21
CA LEU D 192 -1.25 -20.72 33.56
C LEU D 192 -0.42 -21.16 34.79
N TYR D 193 0.90 -20.97 34.71
CA TYR D 193 1.81 -21.02 35.85
C TYR D 193 1.17 -20.41 37.11
N THR D 194 1.26 -19.08 37.22
CA THR D 194 0.73 -18.36 38.37
C THR D 194 -0.47 -19.10 38.99
N VAL D 195 -1.47 -19.40 38.16
CA VAL D 195 -2.70 -20.04 38.62
C VAL D 195 -2.51 -21.51 39.03
N THR D 196 -2.08 -22.34 38.07
CA THR D 196 -1.83 -23.77 38.34
C THR D 196 -0.46 -24.27 37.84
N GLY D 197 0.62 -23.57 38.21
CA GLY D 197 2.00 -23.97 37.96
C GLY D 197 2.34 -24.69 36.66
N GLN D 198 1.41 -24.67 35.71
CA GLN D 198 1.60 -25.26 34.39
C GLN D 198 2.38 -24.27 33.51
N SER D 199 2.74 -24.68 32.30
CA SER D 199 3.36 -23.74 31.38
C SER D 199 2.84 -23.86 29.96
N TRP D 200 3.22 -22.87 29.16
CA TRP D 200 3.24 -22.93 27.69
C TRP D 200 3.00 -24.35 27.13
N PRO D 201 1.73 -24.76 26.96
CA PRO D 201 1.40 -26.15 26.66
C PRO D 201 2.18 -26.70 25.47
N GLU D 202 2.34 -28.02 25.47
CA GLU D 202 3.04 -28.68 24.38
C GLU D 202 2.33 -28.49 23.02
N SER D 203 1.06 -28.89 22.97
CA SER D 203 0.19 -28.65 21.82
C SER D 203 0.32 -27.24 21.22
N LEU D 204 0.47 -26.24 22.09
CA LEU D 204 0.57 -24.84 21.67
C LEU D 204 1.82 -24.55 20.85
N ILE D 205 2.83 -25.42 21.01
CA ILE D 205 4.00 -25.36 20.14
C ILE D 205 3.66 -25.88 18.74
N ARG D 206 2.83 -26.91 18.66
CA ARG D 206 2.49 -27.51 17.36
C ARG D 206 1.83 -26.49 16.38
N LYS D 207 0.94 -25.65 16.92
CA LYS D 207 0.32 -24.55 16.18
C LYS D 207 1.31 -23.41 15.87
N THR D 208 1.66 -22.65 16.91
CA THR D 208 2.43 -21.40 16.78
C THR D 208 3.91 -21.61 16.48
N GLY D 209 4.48 -22.64 17.11
CA GLY D 209 5.90 -22.88 17.06
C GLY D 209 6.66 -21.82 17.83
N TYR D 210 6.08 -21.35 18.93
CA TYR D 210 6.74 -20.42 19.85
C TYR D 210 7.12 -21.22 21.12
N THR D 211 8.31 -20.96 21.67
CA THR D 211 8.78 -21.64 22.88
C THR D 211 9.32 -20.66 23.89
N LEU D 212 9.27 -21.04 25.16
CA LEU D 212 9.56 -20.11 26.26
C LEU D 212 10.80 -19.22 26.09
N GLU D 213 11.63 -19.50 25.08
CA GLU D 213 12.76 -18.61 24.75
C GLU D 213 12.36 -17.43 23.83
N SER D 214 11.39 -17.67 22.93
CA SER D 214 10.83 -16.61 22.09
C SER D 214 9.93 -15.67 22.92
N LEU D 215 9.10 -16.28 23.77
CA LEU D 215 8.18 -15.58 24.65
C LEU D 215 8.89 -14.74 25.70
N LYS D 216 9.96 -15.28 26.25
CA LYS D 216 10.67 -14.66 27.40
C LYS D 216 10.77 -13.13 27.33
N PRO D 217 11.42 -12.54 26.33
CA PRO D 217 11.71 -11.10 26.40
C PRO D 217 10.44 -10.29 26.82
N CYS D 218 9.33 -10.65 26.19
CA CYS D 218 8.02 -10.06 26.43
C CYS D 218 7.48 -10.47 27.78
N LEU D 219 7.61 -11.76 28.08
CA LEU D 219 7.24 -12.33 29.36
C LEU D 219 7.97 -11.58 30.47
N MET D 220 9.28 -11.38 30.26
CA MET D 220 10.15 -10.60 31.13
C MET D 220 9.69 -9.14 31.21
N ASP D 221 9.19 -8.64 30.09
CA ASP D 221 8.56 -7.32 30.09
C ASP D 221 7.16 -7.33 30.76
N LEU D 222 6.38 -8.40 30.53
CA LEU D 222 5.01 -8.51 31.05
C LEU D 222 4.93 -8.81 32.56
N HIS D 223 5.88 -9.62 33.03
CA HIS D 223 6.01 -9.98 34.42
C HIS D 223 6.03 -8.71 35.27
N GLN D 224 7.02 -7.86 35.03
CA GLN D 224 7.17 -6.56 35.72
C GLN D 224 5.90 -5.69 35.71
N THR D 225 5.07 -5.81 34.67
CA THR D 225 3.87 -4.99 34.48
C THR D 225 2.76 -5.55 35.34
N TYR D 226 2.85 -6.85 35.63
CA TYR D 226 2.04 -7.49 36.65
C TYR D 226 2.59 -7.13 38.04
N LEU D 227 3.88 -6.81 38.10
CA LEU D 227 4.52 -6.41 39.35
C LEU D 227 4.28 -4.96 39.73
N LYS D 228 4.42 -4.07 38.76
CA LYS D 228 4.32 -2.63 38.99
C LYS D 228 2.88 -2.08 38.98
N ALA D 229 1.93 -2.93 38.56
CA ALA D 229 0.52 -2.54 38.31
C ALA D 229 -0.12 -1.64 39.39
N PRO D 230 -0.16 -2.12 40.65
CA PRO D 230 -0.62 -1.33 41.80
C PRO D 230 -0.10 0.11 41.87
N GLN D 231 1.07 0.39 41.31
CA GLN D 231 1.69 1.73 41.41
C GLN D 231 1.60 2.50 40.08
N HIS D 232 1.06 1.84 39.07
CA HIS D 232 1.01 2.38 37.72
C HIS D 232 -0.16 3.34 37.56
N ALA D 233 0.12 4.43 36.86
CA ALA D 233 -0.83 5.54 36.67
C ALA D 233 -2.20 5.15 36.17
N GLN D 234 -2.26 4.08 35.40
CA GLN D 234 -3.49 3.66 34.74
C GLN D 234 -4.04 2.40 35.39
N GLN D 235 -5.28 2.51 35.86
CA GLN D 235 -5.84 1.60 36.84
C GLN D 235 -7.20 0.99 36.51
N SER D 236 -7.78 1.34 35.37
CA SER D 236 -9.16 0.90 35.04
C SER D 236 -9.27 -0.58 34.69
N ILE D 237 -8.16 -1.19 34.25
CA ILE D 237 -8.16 -2.60 33.88
C ILE D 237 -8.22 -3.50 35.13
N ARG D 238 -7.45 -3.10 36.14
CA ARG D 238 -7.43 -3.81 37.40
C ARG D 238 -8.85 -3.79 37.95
N GLU D 239 -9.44 -2.60 38.00
CA GLU D 239 -10.76 -2.42 38.62
C GLU D 239 -11.96 -2.92 37.82
N LYS D 240 -11.71 -3.52 36.65
CA LYS D 240 -12.75 -4.19 35.86
C LYS D 240 -12.59 -5.66 36.07
N TYR D 241 -11.33 -6.04 36.29
CA TYR D 241 -10.98 -7.42 36.50
C TYR D 241 -11.06 -7.80 38.00
N LYS D 242 -12.04 -7.21 38.68
CA LYS D 242 -12.45 -7.57 40.03
C LYS D 242 -13.83 -8.25 40.07
N ASN D 243 -14.58 -8.20 38.97
CA ASN D 243 -15.97 -8.66 39.00
C ASN D 243 -16.17 -10.19 38.89
N SER D 244 -17.39 -10.65 39.19
CA SER D 244 -17.75 -12.06 39.22
C SER D 244 -17.70 -12.75 37.84
N LYS D 245 -18.00 -11.99 36.79
CA LYS D 245 -17.99 -12.51 35.42
C LYS D 245 -16.57 -12.85 34.93
N TYR D 246 -15.56 -12.14 35.44
CA TYR D 246 -14.14 -12.46 35.16
C TYR D 246 -13.36 -13.05 36.34
N HIS D 247 -14.06 -13.33 37.44
CA HIS D 247 -13.49 -14.10 38.55
C HIS D 247 -12.41 -13.37 39.39
N GLY D 248 -12.51 -12.03 39.43
CA GLY D 248 -11.69 -11.23 40.33
C GLY D 248 -10.20 -11.53 40.30
N VAL D 249 -9.69 -11.81 39.10
CA VAL D 249 -8.33 -12.27 38.92
C VAL D 249 -7.26 -11.21 39.15
N SER D 250 -7.65 -9.94 39.32
CA SER D 250 -6.67 -8.91 39.60
C SER D 250 -6.27 -8.94 41.07
N LEU D 251 -7.22 -9.31 41.94
CA LEU D 251 -6.95 -9.44 43.38
C LEU D 251 -5.82 -10.46 43.62
N LEU D 252 -5.72 -11.41 42.70
CA LEU D 252 -4.81 -12.54 42.80
C LEU D 252 -3.35 -12.15 42.86
N ASN D 253 -2.57 -13.01 43.53
CA ASN D 253 -1.15 -12.75 43.72
C ASN D 253 -0.33 -13.06 42.48
N PRO D 254 0.51 -12.09 42.10
CA PRO D 254 1.54 -12.32 41.07
C PRO D 254 2.71 -13.09 41.67
N PRO D 255 3.47 -13.83 40.86
CA PRO D 255 4.65 -14.54 41.34
C PRO D 255 5.82 -13.58 41.46
N GLU D 256 6.68 -13.79 42.46
CA GLU D 256 7.90 -13.00 42.63
C GLU D 256 8.74 -13.22 41.38
N THR D 257 8.71 -14.46 40.92
CA THR D 257 9.29 -14.94 39.68
C THR D 257 8.54 -16.21 39.23
N LEU D 258 8.79 -16.61 37.99
CA LEU D 258 8.18 -17.78 37.35
C LEU D 258 9.33 -18.72 37.07
N ASN D 259 10.52 -18.26 37.48
CA ASN D 259 11.79 -18.97 37.32
C ASN D 259 12.11 -19.30 35.86
N LEU D 260 12.75 -18.32 35.23
CA LEU D 260 13.21 -18.40 33.85
C LEU D 260 14.57 -17.71 33.74
C2 N41 E . 6.88 26.15 5.13
C10 N41 E . 7.55 27.80 1.41
C11 N41 E . 8.07 28.10 0.01
C12 N41 E . 8.12 29.62 -0.22
C13 N41 E . 8.96 30.07 -1.43
C14 N41 E . 10.24 29.23 -1.63
C15 N41 E . 9.97 27.73 -1.58
C16 N41 E . 9.41 27.36 -0.21
C19 N41 E . 7.32 30.52 7.13
C20 N41 E . 8.15 30.98 6.13
C21 N41 E . 8.57 30.07 5.15
C22 N41 E . 8.18 28.72 5.16
N25 N41 E . 9.79 32.76 5.60
N1 N41 E . 6.97 26.68 3.88
C6 N41 E . 6.93 25.91 2.75
O6 N41 E . 6.99 26.48 1.50
C5 N41 E . 6.79 24.45 2.93
N7 N41 E . 6.71 23.38 2.10
N9 N41 E . 6.60 22.59 4.32
C4 N41 E . 6.72 23.96 4.29
N3 N41 E . 6.75 24.80 5.34
N2 N41 E . 6.93 26.97 6.23
C17 N41 E . 7.34 28.27 6.18
C18 N41 E . 6.92 29.18 7.16
C23 N41 E . 8.57 32.44 6.05
C8 N41 E . 6.59 22.28 2.97
O24 N41 E . 7.75 33.30 6.37
C1 SGM F . 6.03 1.54 -6.91
C2 SGM F . 6.13 2.53 -5.77
O2 SGM F . 7.33 3.25 -5.94
C3 SGM F . 6.18 1.90 -4.37
O3 SGM F . 5.03 1.11 -4.11
S1 SGM F . 6.84 2.19 -8.42
MG MG G . -7.12 -11.17 -22.51
C2 N41 H . -23.89 -7.27 -11.08
C10 N41 H . -26.85 -6.38 -8.32
C11 N41 H . -27.59 -6.43 -6.99
C12 N41 H . -29.08 -6.21 -7.21
C13 N41 H . -29.82 -6.43 -5.92
C14 N41 H . -29.62 -7.89 -5.51
C15 N41 H . -28.15 -8.08 -5.12
C16 N41 H . -27.28 -7.77 -6.32
C19 N41 H . -27.64 -7.04 -13.76
C20 N41 H . -28.46 -7.93 -13.06
C21 N41 H . -27.87 -8.74 -12.08
C22 N41 H . -26.48 -8.67 -11.85
N25 N41 H . -30.82 -7.90 -12.34
N1 N41 H . -24.81 -6.92 -10.17
C6 N41 H . -24.49 -6.56 -8.92
O6 N41 H . -25.46 -6.24 -8.02
C5 N41 H . -23.08 -6.49 -8.53
N7 N41 H . -22.38 -6.18 -7.38
N9 N41 H . -20.88 -6.77 -9.05
C4 N41 H . -22.16 -6.86 -9.55
N3 N41 H . -22.56 -7.24 -10.78
N2 N41 H . -24.33 -7.65 -12.31
C17 N41 H . -25.67 -7.76 -12.54
C18 N41 H . -26.27 -6.95 -13.52
C23 N41 H . -29.94 -7.98 -13.35
C8 N41 H . -21.07 -6.36 -7.75
O24 N41 H . -30.33 -8.08 -14.51
C1 SGM I . -4.18 -3.81 7.38
C2 SGM I . -4.64 -4.56 6.14
O2 SGM I . -5.39 -5.70 6.52
C3 SGM I . -3.46 -5.00 5.31
O3 SGM I . -3.46 -4.21 4.13
S1 SGM I . -5.23 -4.21 8.80
#